data_6EQB
#
_entry.id   6EQB
#
_cell.length_a   120.771
_cell.length_b   120.771
_cell.length_c   82.247
_cell.angle_alpha   90.000
_cell.angle_beta   90.000
_cell.angle_gamma   90.000
#
_symmetry.space_group_name_H-M   'P 43'
#
loop_
_entity.id
_entity.type
_entity.pdbx_description
1 polymer 'HLA class I histocompatibility antigen, A-2 alpha chain'
2 polymer Beta-2-microglobulin
3 polymer ALA-ALA-GLY-ILE-GLY-ILE-LEU-THR-VAL
4 polymer 'High Affinity Mel5 TCR, alpha chain'
5 polymer 'High Affinity Mel5 TCR, beta chain'
6 non-polymer '4-(2-HYDROXYETHYL)-1-PIPERAZINE ETHANESULFONIC ACID'
7 non-polymer 'SULFATE ION'
8 non-polymer 1,2-ETHANEDIOL
9 water water
#
loop_
_entity_poly.entity_id
_entity_poly.type
_entity_poly.pdbx_seq_one_letter_code
_entity_poly.pdbx_strand_id
1 'polypeptide(L)'
;GSHSMRYFFTSVSRPGRGEPRFIAVGYVDDTQFVRFDSDAASQRMEPRAPWIEQEGPEYWDGETRKVKAHSQTHRVDLGT
LRGYYNQSEAGSHTVQRMYGCDVGSDWRFLRGYHQYAYDGKDYIALKEDLRSWTAADMAAQTTKHKWEAAHVAEQLRAYL
EGTCVEWLRRYLENGKETLQRTDAPKTHMTHHAVSDHEATLRCWALSFYPAEITLTWQRDGEDQTQDTELVETRPAGDGT
FQKWAAVVVPSGQEQRYTCHVQHEGLPKPLTLRWEP
;
A
2 'polypeptide(L)'
;MIQRTPKIQVYSRHPAENGKSNFLNCYVSGFHPSDIEVDLLKNGERIEKVEHSDLSFSKDWSFYLLYYTEFTPTEKDEYA
CRVNHVTLSQPKIVKWDRDM
;
B
3 'polypeptide(L)' AAGIGILTV C
4 'polypeptide(L)'
;QKEVEQNSGPLSVPEGAIASLNCTYSFLGSQSFFWYRQYSGKSPELIMFTYREGDKEDGRFTAQLNKASQHVSLLIRDSQ
PSDSATYLCAVNDGGRLTFGDGTTLTVKPNIQNPDPAVYQLRDSKSSDKSVCLFTDFDSQTNVSQSKDSDVYITDKCVLD
MRSMDFKSNSAVAWSNKSDFACANAFNNSIIPEDTF
;
D
5 'polypeptide(L)'
;SQTIHQWPATLVQPVGSPLSLECTVEGTSNPNLYWYRQAAGRGPQLLFYWGPFGQISSEVPQNLSASRPQDRQFILSSKK
LLLSDSGFYLCAWSETGLGMGGWQFGEGSRLTVLEDLKNVFPPEVAVFEPSEAEISHTQKATLVCLATGFYPDHVELSWW
VNGKEVHSGVCTDPQPLKEQPALNDSRYALSSRLRVSATFWQDPRNHFRCQVQFYGLSENDEWTQDRAKPVTQIVSAEAW
GRAD
;
E
#
loop_
_chem_comp.id
_chem_comp.type
_chem_comp.name
_chem_comp.formula
EDO non-polymer 1,2-ETHANEDIOL 'C2 H6 O2'
EPE non-polymer '4-(2-HYDROXYETHYL)-1-PIPERAZINE ETHANESULFONIC ACID' 'C8 H18 N2 O4 S'
SO4 non-polymer 'SULFATE ION' 'O4 S -2'
#
# COMPACT_ATOMS: atom_id res chain seq x y z
N GLY A 1 32.56 1.10 12.71
CA GLY A 1 33.06 1.73 11.44
C GLY A 1 31.87 1.81 10.53
N SER A 2 31.98 1.24 9.35
CA SER A 2 30.84 1.20 8.43
C SER A 2 29.81 0.18 8.86
N HIS A 3 28.60 0.38 8.36
CA HIS A 3 27.54 -0.58 8.52
C HIS A 3 26.71 -0.65 7.24
N SER A 4 25.81 -1.65 7.22
CA SER A 4 24.94 -1.94 6.09
C SER A 4 23.61 -2.55 6.52
N MET A 5 22.64 -2.53 5.63
CA MET A 5 21.39 -3.30 5.80
C MET A 5 21.16 -3.96 4.46
N ARG A 6 20.82 -5.23 4.46
CA ARG A 6 20.58 -5.94 3.22
C ARG A 6 19.32 -6.75 3.37
N TYR A 7 18.48 -6.76 2.37
CA TYR A 7 17.42 -7.76 2.37
C TYR A 7 17.65 -8.78 1.25
N PHE A 8 17.51 -10.07 1.58
CA PHE A 8 17.78 -11.18 0.66
C PHE A 8 16.49 -11.96 0.49
N PHE A 9 16.08 -12.09 -0.78
CA PHE A 9 14.84 -12.81 -1.19
C PHE A 9 15.18 -13.94 -2.20
N THR A 10 14.63 -15.13 -1.91
CA THR A 10 14.87 -16.38 -2.67
C THR A 10 13.52 -17.06 -2.92
N SER A 11 13.17 -17.26 -4.18
CA SER A 11 11.93 -17.88 -4.60
C SER A 11 12.22 -19.08 -5.50
N VAL A 12 11.82 -20.27 -5.10
CA VAL A 12 12.12 -21.52 -5.91
C VAL A 12 10.81 -22.18 -6.32
N SER A 13 10.54 -22.17 -7.61
CA SER A 13 9.35 -22.77 -8.18
C SER A 13 9.36 -24.27 -7.96
N ARG A 14 8.20 -24.87 -7.82
CA ARG A 14 8.10 -26.36 -7.77
C ARG A 14 7.16 -26.98 -8.84
N PRO A 15 7.66 -27.27 -10.04
CA PRO A 15 6.78 -28.06 -10.90
C PRO A 15 5.82 -28.94 -10.07
N GLY A 16 4.54 -28.60 -10.14
CA GLY A 16 3.50 -29.36 -9.44
C GLY A 16 3.07 -28.68 -8.15
N ARG A 17 3.56 -29.21 -7.00
CA ARG A 17 3.48 -28.60 -5.62
C ARG A 17 3.15 -27.04 -5.66
N GLY A 18 1.86 -26.70 -5.90
CA GLY A 18 1.38 -25.36 -6.39
C GLY A 18 2.23 -24.11 -6.18
N GLU A 19 2.68 -23.95 -4.94
CA GLU A 19 3.19 -22.71 -4.41
C GLU A 19 4.72 -22.76 -4.30
N PRO A 20 5.43 -21.79 -4.85
CA PRO A 20 6.84 -21.88 -4.71
C PRO A 20 7.30 -21.51 -3.34
N ARG A 21 8.55 -21.90 -3.11
CA ARG A 21 9.20 -21.76 -1.86
C ARG A 21 9.83 -20.41 -1.76
N PHE A 22 9.34 -19.60 -0.85
CA PHE A 22 9.81 -18.25 -0.70
C PHE A 22 10.42 -18.12 0.71
N ILE A 23 11.66 -17.67 0.77
CA ILE A 23 12.37 -17.49 2.00
C ILE A 23 12.96 -16.14 1.91
N ALA A 24 12.62 -15.30 2.90
CA ALA A 24 13.08 -13.92 2.95
C ALA A 24 13.78 -13.66 4.24
N VAL A 25 14.90 -12.94 4.15
CA VAL A 25 15.73 -12.77 5.30
C VAL A 25 16.38 -11.39 5.42
N GLY A 26 16.41 -10.83 6.63
CA GLY A 26 16.94 -9.46 6.82
C GLY A 26 18.21 -9.38 7.66
N TYR A 27 19.20 -8.57 7.21
CA TYR A 27 20.48 -8.39 7.99
C TYR A 27 20.85 -6.96 8.24
N VAL A 28 21.31 -6.65 9.45
CA VAL A 28 22.13 -5.49 9.65
C VAL A 28 23.52 -6.01 9.83
N ASP A 29 24.47 -5.50 9.03
CA ASP A 29 25.83 -6.05 9.03
C ASP A 29 25.79 -7.59 8.95
N ASP A 30 26.45 -8.32 9.86
CA ASP A 30 26.48 -9.77 9.80
C ASP A 30 25.54 -10.44 10.80
N THR A 31 24.46 -9.75 11.14
CA THR A 31 23.47 -10.24 12.09
C THR A 31 22.10 -10.33 11.45
N GLN A 32 21.66 -11.53 11.13
CA GLN A 32 20.29 -11.67 10.65
C GLN A 32 19.36 -11.05 11.68
N PHE A 33 18.28 -10.43 11.26
CA PHE A 33 17.30 -9.90 12.27
C PHE A 33 15.80 -10.07 11.96
N VAL A 34 15.43 -10.35 10.71
CA VAL A 34 14.10 -10.82 10.38
C VAL A 34 14.10 -11.92 9.37
N ARG A 35 13.04 -12.73 9.42
CA ARG A 35 12.84 -13.71 8.39
C ARG A 35 11.43 -13.89 7.97
N PHE A 36 11.24 -14.50 6.83
CA PHE A 36 9.96 -14.99 6.46
C PHE A 36 10.21 -16.28 5.77
N ASP A 37 9.48 -17.35 6.06
CA ASP A 37 9.60 -18.59 5.31
C ASP A 37 8.23 -19.09 4.94
N SER A 38 7.85 -18.96 3.66
CA SER A 38 6.51 -19.27 3.18
C SER A 38 6.02 -20.59 3.69
N ASP A 39 6.94 -21.51 3.89
CA ASP A 39 6.63 -22.84 4.39
C ASP A 39 6.22 -22.90 5.84
N ALA A 40 6.58 -21.93 6.67
CA ALA A 40 6.37 -22.07 8.12
C ALA A 40 4.96 -21.72 8.49
N ALA A 41 4.59 -22.05 9.72
CA ALA A 41 3.23 -21.81 10.25
C ALA A 41 2.81 -20.33 10.44
N SER A 42 3.73 -19.52 10.97
CA SER A 42 3.30 -18.24 11.50
C SER A 42 2.67 -17.43 10.43
N GLN A 43 3.26 -17.54 9.25
CA GLN A 43 2.89 -16.78 8.08
C GLN A 43 3.11 -15.25 8.22
N ARG A 44 4.07 -14.90 9.08
CA ARG A 44 4.42 -13.57 9.44
C ARG A 44 5.89 -13.41 9.32
N MET A 45 6.31 -12.16 9.24
CA MET A 45 7.68 -11.79 9.40
C MET A 45 8.06 -11.93 10.86
N GLU A 46 9.06 -12.73 11.17
CA GLU A 46 9.39 -13.09 12.52
C GLU A 46 10.70 -12.36 12.91
N PRO A 47 10.86 -12.03 14.19
CA PRO A 47 12.11 -11.49 14.67
C PRO A 47 13.19 -12.55 14.85
N ARG A 48 14.45 -12.19 14.63
CA ARG A 48 15.61 -13.04 14.92
C ARG A 48 16.70 -12.30 15.63
N ALA A 49 16.37 -11.20 16.30
CA ALA A 49 17.34 -10.55 17.16
C ALA A 49 16.58 -9.89 18.27
N PRO A 50 17.14 -9.88 19.49
CA PRO A 50 16.45 -9.25 20.63
C PRO A 50 15.82 -7.88 20.30
N TRP A 51 16.61 -7.01 19.69
CA TRP A 51 16.28 -5.58 19.58
C TRP A 51 15.27 -5.15 18.54
N ILE A 52 14.87 -6.05 17.65
CA ILE A 52 13.80 -5.74 16.71
C ILE A 52 12.49 -6.07 17.35
N GLU A 53 12.44 -7.00 18.29
CA GLU A 53 11.19 -7.22 19.03
C GLU A 53 10.55 -5.98 19.64
N GLN A 54 11.33 -4.91 19.96
CA GLN A 54 10.81 -3.59 20.53
C GLN A 54 9.71 -3.04 19.63
N GLU A 55 9.93 -3.13 18.31
CA GLU A 55 9.00 -2.64 17.35
C GLU A 55 7.62 -3.20 17.56
N GLY A 56 6.65 -2.34 17.35
CA GLY A 56 5.27 -2.58 17.73
C GLY A 56 4.61 -3.39 16.68
N PRO A 57 3.36 -3.72 16.89
CA PRO A 57 2.67 -4.62 15.96
C PRO A 57 2.43 -4.03 14.53
N GLU A 58 2.25 -2.72 14.46
CA GLU A 58 2.10 -2.00 13.20
C GLU A 58 3.34 -2.21 12.25
N TYR A 59 4.51 -2.27 12.87
CA TYR A 59 5.71 -2.51 12.15
C TYR A 59 5.62 -3.91 11.58
N TRP A 60 5.44 -4.89 12.44
CA TRP A 60 5.38 -6.29 11.99
C TRP A 60 4.29 -6.49 10.94
N ASP A 61 3.12 -5.82 11.11
CA ASP A 61 2.03 -6.00 10.18
C ASP A 61 2.40 -5.55 8.78
N GLY A 62 3.17 -4.48 8.69
CA GLY A 62 3.54 -3.99 7.40
C GLY A 62 4.75 -4.70 6.84
N GLU A 63 5.66 -5.15 7.69
CA GLU A 63 6.77 -5.90 7.12
C GLU A 63 6.16 -7.18 6.52
N THR A 64 5.18 -7.76 7.23
CA THR A 64 4.54 -8.94 6.74
C THR A 64 3.88 -8.71 5.39
N ARG A 65 3.13 -7.63 5.25
CA ARG A 65 2.42 -7.42 4.00
C ARG A 65 3.39 -7.22 2.87
N LYS A 66 4.49 -6.53 3.12
CA LYS A 66 5.39 -6.25 2.02
C LYS A 66 6.11 -7.46 1.63
N VAL A 67 6.61 -8.21 2.60
CA VAL A 67 7.27 -9.46 2.26
C VAL A 67 6.37 -10.43 1.43
N LYS A 68 5.12 -10.60 1.83
CA LYS A 68 4.16 -11.41 1.04
C LYS A 68 3.93 -10.88 -0.35
N ALA A 69 3.88 -9.58 -0.48
CA ALA A 69 3.69 -9.00 -1.78
C ALA A 69 4.90 -9.27 -2.69
N HIS A 70 6.11 -9.21 -2.13
CA HIS A 70 7.34 -9.60 -2.82
C HIS A 70 7.25 -11.01 -3.45
N SER A 71 6.80 -11.90 -2.56
CA SER A 71 6.60 -13.34 -2.79
C SER A 71 5.63 -13.54 -3.95
N GLN A 72 4.48 -12.88 -3.91
CA GLN A 72 3.59 -12.98 -5.02
C GLN A 72 4.15 -12.39 -6.31
N THR A 73 5.12 -11.48 -6.22
CA THR A 73 5.61 -10.89 -7.45
C THR A 73 6.66 -11.74 -8.03
N HIS A 74 7.50 -12.30 -7.20
CA HIS A 74 8.40 -13.40 -7.70
C HIS A 74 7.60 -14.57 -8.22
N ARG A 75 6.44 -14.87 -7.65
CA ARG A 75 5.61 -15.92 -8.24
C ARG A 75 5.29 -15.68 -9.73
N VAL A 76 4.70 -14.52 -10.05
CA VAL A 76 4.51 -14.08 -11.44
C VAL A 76 5.81 -14.20 -12.31
N ASP A 77 6.91 -13.74 -11.73
CA ASP A 77 8.17 -13.64 -12.44
C ASP A 77 8.59 -14.95 -13.02
N LEU A 78 8.46 -15.97 -12.20
CA LEU A 78 8.89 -17.30 -12.52
C LEU A 78 8.24 -17.79 -13.78
N GLY A 79 6.98 -17.46 -13.91
CA GLY A 79 6.23 -17.83 -15.07
C GLY A 79 6.56 -16.97 -16.25
N THR A 80 6.76 -15.69 -16.00
CA THR A 80 7.12 -14.80 -17.06
C THR A 80 8.46 -15.18 -17.61
N LEU A 81 9.42 -15.45 -16.73
CA LEU A 81 10.78 -15.84 -17.18
C LEU A 81 10.82 -17.18 -17.88
N ARG A 82 10.01 -18.13 -17.45
CA ARG A 82 9.87 -19.30 -18.27
C ARG A 82 9.58 -18.97 -19.71
N GLY A 83 8.59 -18.10 -19.93
CA GLY A 83 8.17 -17.70 -21.26
C GLY A 83 9.32 -17.09 -22.05
N TYR A 84 10.03 -16.16 -21.43
CA TYR A 84 11.20 -15.55 -22.06
C TYR A 84 12.29 -16.54 -22.35
N TYR A 85 12.34 -17.63 -21.62
CA TYR A 85 13.42 -18.55 -21.81
C TYR A 85 13.00 -19.85 -22.49
N ASN A 86 11.83 -19.88 -23.11
CA ASN A 86 11.33 -21.11 -23.74
C ASN A 86 11.46 -22.39 -22.89
N GLN A 87 11.29 -22.26 -21.58
CA GLN A 87 11.46 -23.37 -20.68
C GLN A 87 10.12 -24.06 -20.47
N SER A 88 10.15 -25.35 -20.18
CA SER A 88 8.94 -26.11 -19.86
C SER A 88 8.47 -25.86 -18.44
N GLU A 89 7.32 -26.44 -18.08
CA GLU A 89 6.75 -26.27 -16.74
C GLU A 89 7.38 -27.22 -15.73
N ALA A 90 7.84 -28.37 -16.20
CA ALA A 90 8.64 -29.31 -15.41
C ALA A 90 9.99 -28.64 -15.18
N GLY A 91 10.72 -29.06 -14.15
CA GLY A 91 11.94 -28.34 -13.80
C GLY A 91 11.64 -27.10 -12.95
N SER A 92 12.48 -26.98 -11.94
CA SER A 92 12.34 -26.05 -10.88
C SER A 92 13.26 -24.85 -11.21
N HIS A 93 12.82 -23.62 -10.98
CA HIS A 93 13.68 -22.52 -11.27
C HIS A 93 13.80 -21.62 -10.09
N THR A 94 14.82 -20.80 -10.10
CA THR A 94 15.14 -19.95 -8.96
C THR A 94 15.21 -18.47 -9.35
N VAL A 95 14.34 -17.67 -8.72
CA VAL A 95 14.42 -16.19 -8.71
C VAL A 95 15.04 -15.74 -7.38
N GLN A 96 16.00 -14.82 -7.42
CA GLN A 96 16.69 -14.25 -6.23
C GLN A 96 16.79 -12.77 -6.41
N ARG A 97 16.64 -12.01 -5.30
CA ARG A 97 16.69 -10.51 -5.29
C ARG A 97 17.38 -10.10 -4.00
N MET A 98 18.34 -9.17 -4.12
CA MET A 98 18.96 -8.59 -2.93
C MET A 98 19.02 -7.10 -3.09
N TYR A 99 18.71 -6.38 -2.03
CA TYR A 99 18.99 -4.98 -1.98
C TYR A 99 19.41 -4.50 -0.63
N GLY A 100 20.00 -3.32 -0.64
CA GLY A 100 20.33 -2.58 0.58
C GLY A 100 21.21 -1.36 0.38
N CYS A 101 21.82 -0.95 1.49
CA CYS A 101 22.48 0.33 1.61
C CYS A 101 23.60 0.26 2.59
N ASP A 102 24.75 0.79 2.20
CA ASP A 102 25.93 0.88 3.04
C ASP A 102 25.98 2.29 3.61
N VAL A 103 26.46 2.44 4.87
CA VAL A 103 26.84 3.74 5.47
C VAL A 103 28.25 3.70 6.04
N GLY A 104 28.98 4.83 5.96
CA GLY A 104 30.29 4.97 6.64
C GLY A 104 30.17 5.29 8.13
N SER A 105 31.27 5.72 8.75
CA SER A 105 31.32 5.79 10.21
C SER A 105 30.60 7.01 10.78
N ASP A 106 30.24 7.96 9.91
CA ASP A 106 29.34 9.09 10.25
C ASP A 106 27.86 8.75 10.05
N TRP A 107 27.61 7.52 9.61
CA TRP A 107 26.32 6.93 9.38
C TRP A 107 25.61 7.59 8.24
N ARG A 108 26.33 8.16 7.28
CA ARG A 108 25.67 8.64 6.06
C ARG A 108 25.79 7.65 4.88
N PHE A 109 24.84 7.72 3.97
CA PHE A 109 24.85 6.99 2.73
C PHE A 109 26.16 7.00 1.96
N LEU A 110 26.65 5.83 1.57
CA LEU A 110 27.82 5.60 0.72
C LEU A 110 27.47 5.02 -0.63
N ARG A 111 26.60 4.02 -0.62
CA ARG A 111 26.38 3.20 -1.78
C ARG A 111 25.04 2.53 -1.54
N GLY A 112 24.15 2.44 -2.55
CA GLY A 112 22.94 1.62 -2.42
C GLY A 112 22.91 0.56 -3.52
N TYR A 113 22.19 -0.55 -3.40
CA TYR A 113 22.21 -1.56 -4.52
C TYR A 113 20.93 -2.31 -4.62
N HIS A 114 20.67 -2.85 -5.81
CA HIS A 114 19.43 -3.61 -6.11
C HIS A 114 19.65 -4.57 -7.28
N GLN A 115 19.69 -5.85 -6.97
CA GLN A 115 20.03 -6.83 -7.95
C GLN A 115 19.05 -7.99 -7.95
N TYR A 116 19.04 -8.67 -9.09
CA TYR A 116 18.09 -9.71 -9.38
C TYR A 116 18.75 -10.83 -10.21
N ALA A 117 18.73 -12.04 -9.71
CA ALA A 117 19.28 -13.19 -10.49
C ALA A 117 18.20 -14.11 -11.02
N TYR A 118 18.51 -14.90 -12.04
CA TYR A 118 17.62 -16.01 -12.43
C TYR A 118 18.41 -17.29 -12.68
N ASP A 119 17.96 -18.40 -12.16
CA ASP A 119 18.79 -19.61 -12.12
C ASP A 119 20.27 -19.36 -11.81
N GLY A 120 20.53 -18.53 -10.79
CA GLY A 120 21.86 -18.42 -10.24
C GLY A 120 22.81 -17.44 -10.91
N LYS A 121 22.31 -16.73 -11.92
CA LYS A 121 23.10 -15.71 -12.58
C LYS A 121 22.38 -14.41 -12.75
N ASP A 122 23.19 -13.37 -12.97
CA ASP A 122 22.75 -11.98 -13.02
C ASP A 122 21.65 -11.78 -14.06
N TYR A 123 20.47 -11.30 -13.68
CA TYR A 123 19.48 -11.03 -14.71
C TYR A 123 19.40 -9.54 -15.04
N ILE A 124 19.32 -8.71 -13.99
CA ILE A 124 19.27 -7.26 -14.10
C ILE A 124 19.62 -6.61 -12.74
N ALA A 125 20.39 -5.53 -12.79
CA ALA A 125 20.99 -4.90 -11.61
C ALA A 125 21.06 -3.40 -11.79
N LEU A 126 20.74 -2.68 -10.71
CA LEU A 126 20.84 -1.22 -10.64
C LEU A 126 22.30 -0.84 -10.67
N LYS A 127 22.72 0.08 -11.52
CA LYS A 127 24.13 0.47 -11.49
C LYS A 127 24.47 1.24 -10.20
N GLU A 128 25.77 1.49 -9.99
CA GLU A 128 26.32 2.37 -8.95
C GLU A 128 25.58 3.71 -8.74
N ASP A 129 25.43 4.55 -9.81
CA ASP A 129 24.49 5.70 -9.75
C ASP A 129 23.23 5.06 -9.44
N LEU A 130 22.15 5.71 -9.12
CA LEU A 130 21.01 4.77 -8.83
C LEU A 130 19.97 4.99 -9.85
N ARG A 131 20.38 4.96 -11.12
CA ARG A 131 19.47 5.27 -12.18
C ARG A 131 19.63 4.46 -13.43
N SER A 132 20.80 3.91 -13.75
CA SER A 132 20.93 3.10 -14.96
C SER A 132 20.90 1.60 -14.60
N TRP A 133 20.57 0.77 -15.61
CA TRP A 133 20.43 -0.69 -15.44
C TRP A 133 21.37 -1.54 -16.35
N THR A 134 22.19 -2.40 -15.73
CA THR A 134 22.95 -3.45 -16.45
C THR A 134 22.00 -4.60 -16.66
N ALA A 135 21.71 -4.97 -17.91
CA ALA A 135 20.80 -6.11 -18.22
C ALA A 135 21.59 -7.15 -18.96
N ALA A 136 21.64 -8.35 -18.37
CA ALA A 136 22.45 -9.44 -18.95
C ALA A 136 22.35 -9.55 -20.51
N ASP A 137 21.14 -9.68 -21.08
CA ASP A 137 20.85 -10.18 -22.45
C ASP A 137 19.46 -9.81 -22.93
N MET A 138 19.04 -10.29 -24.11
CA MET A 138 17.68 -10.00 -24.65
C MET A 138 16.48 -9.95 -23.73
N ALA A 139 16.22 -11.01 -22.96
CA ALA A 139 15.05 -11.03 -22.06
C ALA A 139 15.17 -9.97 -21.03
N ALA A 140 16.33 -9.92 -20.41
CA ALA A 140 16.61 -8.84 -19.48
C ALA A 140 16.37 -7.43 -20.06
N GLN A 141 16.59 -7.18 -21.37
CA GLN A 141 16.34 -5.85 -21.92
C GLN A 141 14.86 -5.53 -21.96
N THR A 142 13.98 -6.52 -22.07
CA THR A 142 12.54 -6.23 -22.07
C THR A 142 12.08 -5.79 -20.69
N THR A 143 12.74 -6.30 -19.66
CA THR A 143 12.53 -5.95 -18.24
C THR A 143 13.08 -4.59 -17.97
N LYS A 144 14.28 -4.36 -18.45
CA LYS A 144 14.84 -3.04 -18.49
C LYS A 144 13.90 -1.97 -19.07
N HIS A 145 13.38 -2.08 -20.29
CA HIS A 145 12.53 -1.00 -20.83
C HIS A 145 11.26 -0.83 -20.05
N LYS A 146 10.74 -1.92 -19.55
CA LYS A 146 9.54 -1.86 -18.76
C LYS A 146 9.67 -0.97 -17.50
N TRP A 147 10.81 -1.16 -16.80
CA TRP A 147 11.14 -0.55 -15.50
C TRP A 147 11.64 0.86 -15.65
N GLU A 148 12.14 1.14 -16.84
CA GLU A 148 12.55 2.48 -17.22
C GLU A 148 11.28 3.29 -17.43
N ALA A 149 10.34 2.81 -18.25
CA ALA A 149 9.01 3.50 -18.43
C ALA A 149 8.28 3.77 -17.10
N ALA A 150 8.44 2.89 -16.14
CA ALA A 150 7.82 3.01 -14.86
C ALA A 150 8.68 3.74 -13.84
N HIS A 151 9.88 4.20 -14.21
CA HIS A 151 10.80 4.82 -13.22
C HIS A 151 11.04 4.00 -11.96
N VAL A 152 11.26 2.70 -12.12
CA VAL A 152 11.66 1.89 -11.02
C VAL A 152 12.90 2.46 -10.38
N ALA A 153 13.91 2.85 -11.16
CA ALA A 153 15.18 3.31 -10.54
C ALA A 153 14.96 4.46 -9.54
N GLU A 154 14.08 5.42 -9.84
CA GLU A 154 13.88 6.54 -8.89
C GLU A 154 13.09 6.14 -7.64
N GLN A 155 12.25 5.10 -7.76
CA GLN A 155 11.58 4.58 -6.60
C GLN A 155 12.59 3.89 -5.70
N LEU A 156 13.45 3.08 -6.31
CA LEU A 156 14.48 2.41 -5.55
C LEU A 156 15.46 3.40 -4.93
N ARG A 157 15.86 4.44 -5.66
CA ARG A 157 16.75 5.44 -5.07
C ARG A 157 16.10 6.07 -3.81
N ALA A 158 14.82 6.44 -3.91
CA ALA A 158 14.14 7.06 -2.77
C ALA A 158 14.24 6.14 -1.59
N TYR A 159 13.91 4.85 -1.80
CA TYR A 159 14.03 3.80 -0.76
C TYR A 159 15.49 3.65 -0.25
N LEU A 160 16.41 3.47 -1.19
CA LEU A 160 17.77 3.11 -0.83
C LEU A 160 18.51 4.27 -0.13
N GLU A 161 18.40 5.50 -0.65
CA GLU A 161 19.15 6.66 -0.04
C GLU A 161 18.51 7.09 1.25
N GLY A 162 17.19 7.15 1.29
CA GLY A 162 16.48 7.69 2.43
C GLY A 162 16.15 6.64 3.45
N THR A 163 15.09 5.90 3.11
CA THR A 163 14.44 5.03 4.06
C THR A 163 15.42 4.02 4.61
N CYS A 164 16.08 3.31 3.71
CA CYS A 164 17.05 2.31 4.12
C CYS A 164 18.07 2.91 5.12
N VAL A 165 18.62 4.08 4.82
CA VAL A 165 19.58 4.70 5.69
C VAL A 165 18.92 5.08 7.01
N GLU A 166 17.71 5.71 6.96
CA GLU A 166 17.01 6.17 8.20
C GLU A 166 16.81 5.03 9.20
N TRP A 167 16.44 3.84 8.71
CA TRP A 167 16.14 2.71 9.56
C TRP A 167 17.37 2.00 10.03
N LEU A 168 18.35 1.81 9.16
CA LEU A 168 19.67 1.32 9.57
C LEU A 168 20.17 2.15 10.74
N ARG A 169 20.12 3.48 10.61
CA ARG A 169 20.42 4.39 11.79
C ARG A 169 19.63 4.08 13.10
N ARG A 170 18.33 3.96 12.94
CA ARG A 170 17.46 3.55 14.01
C ARG A 170 17.84 2.18 14.58
N TYR A 171 18.03 1.20 13.71
CA TYR A 171 18.40 -0.13 14.18
C TYR A 171 19.78 -0.11 14.85
N LEU A 172 20.73 0.71 14.40
CA LEU A 172 22.06 0.71 15.05
C LEU A 172 21.93 1.32 16.44
N GLU A 173 21.14 2.41 16.58
CA GLU A 173 21.04 2.99 17.91
C GLU A 173 20.11 2.11 18.76
N ASN A 174 19.09 1.48 18.18
CA ASN A 174 18.27 0.57 18.97
C ASN A 174 19.02 -0.71 19.42
N GLY A 175 19.74 -1.34 18.51
CA GLY A 175 20.45 -2.54 18.88
C GLY A 175 21.85 -2.30 19.42
N LYS A 176 22.13 -1.17 20.05
CA LYS A 176 23.54 -0.80 20.19
C LYS A 176 24.42 -1.72 21.04
N GLU A 177 23.87 -2.41 22.04
CA GLU A 177 24.65 -3.45 22.77
C GLU A 177 24.97 -4.75 21.92
N THR A 178 24.43 -4.88 20.72
CA THR A 178 24.78 -5.97 19.77
C THR A 178 25.66 -5.49 18.61
N LEU A 179 25.10 -4.60 17.79
CA LEU A 179 25.61 -4.24 16.48
C LEU A 179 26.85 -3.38 16.50
N GLN A 180 26.97 -2.56 17.55
CA GLN A 180 28.12 -1.69 17.73
C GLN A 180 29.14 -2.28 18.69
N ARG A 181 28.84 -3.42 19.32
CA ARG A 181 29.78 -4.00 20.29
C ARG A 181 30.66 -4.97 19.55
N THR A 182 31.95 -4.89 19.89
CA THR A 182 33.02 -5.42 19.07
C THR A 182 33.91 -6.43 19.81
N ASP A 183 33.69 -7.69 19.47
CA ASP A 183 34.34 -8.82 20.09
C ASP A 183 35.63 -9.18 19.34
N ALA A 184 36.76 -8.87 19.96
CA ALA A 184 38.08 -9.36 19.53
C ALA A 184 38.12 -10.89 19.45
N PRO A 185 39.02 -11.41 18.64
CA PRO A 185 39.16 -12.88 18.61
C PRO A 185 39.98 -13.48 19.76
N LYS A 186 39.57 -14.66 20.21
CA LYS A 186 40.42 -15.55 20.99
C LYS A 186 41.44 -16.23 20.04
N THR A 187 42.48 -16.83 20.61
CA THR A 187 43.77 -16.92 19.95
C THR A 187 44.44 -18.27 20.25
N HIS A 188 44.76 -19.02 19.20
CA HIS A 188 45.28 -20.41 19.28
C HIS A 188 46.58 -20.45 18.51
N MET A 189 47.18 -21.63 18.51
CA MET A 189 48.34 -21.96 17.71
C MET A 189 48.47 -23.48 17.60
N THR A 190 48.34 -24.03 16.38
CA THR A 190 48.30 -25.49 16.18
C THR A 190 49.47 -26.01 15.36
N HIS A 191 50.24 -26.95 15.93
CA HIS A 191 51.37 -27.60 15.27
C HIS A 191 50.93 -29.00 14.81
N HIS A 192 50.89 -29.20 13.48
CA HIS A 192 50.66 -30.53 12.88
C HIS A 192 52.00 -31.05 12.31
N ALA A 193 52.18 -32.38 12.37
CA ALA A 193 53.20 -33.13 11.62
C ALA A 193 52.85 -34.64 11.44
N VAL A 194 53.80 -35.42 10.92
CA VAL A 194 53.71 -36.89 10.90
C VAL A 194 55.05 -37.45 11.49
N SER A 195 55.18 -38.77 11.64
CA SER A 195 56.34 -39.36 12.35
C SER A 195 57.75 -39.30 11.64
N ASP A 196 57.85 -38.58 10.50
CA ASP A 196 59.12 -37.97 9.98
C ASP A 196 58.84 -36.45 9.97
N HIS A 197 59.84 -35.64 10.33
CA HIS A 197 59.63 -34.19 10.54
C HIS A 197 59.11 -33.50 9.25
N GLU A 198 57.81 -33.17 9.25
CA GLU A 198 57.12 -32.43 8.17
C GLU A 198 56.00 -31.59 8.82
N ALA A 199 56.22 -30.27 9.01
CA ALA A 199 55.30 -29.44 9.82
C ALA A 199 54.75 -28.09 9.28
N THR A 200 53.46 -27.88 9.57
CA THR A 200 52.73 -26.64 9.27
C THR A 200 51.98 -26.11 10.50
N LEU A 201 51.84 -24.79 10.61
CA LEU A 201 51.02 -24.21 11.69
C LEU A 201 50.15 -22.99 11.35
N ARG A 202 48.97 -22.97 11.97
CA ARG A 202 47.86 -22.05 11.66
C ARG A 202 47.34 -21.37 12.92
N CYS A 203 47.28 -20.02 12.87
CA CYS A 203 46.77 -19.20 13.97
C CYS A 203 45.25 -19.06 13.81
N TRP A 204 44.56 -19.23 14.95
CA TRP A 204 43.11 -19.25 15.01
C TRP A 204 42.49 -18.01 15.64
N ALA A 205 41.54 -17.41 14.92
CA ALA A 205 40.61 -16.46 15.49
C ALA A 205 39.36 -17.24 15.84
N LEU A 206 38.82 -16.99 17.02
CA LEU A 206 37.58 -17.64 17.51
C LEU A 206 36.75 -16.65 18.34
N SER A 207 35.42 -16.71 18.19
CA SER A 207 34.50 -15.86 18.92
C SER A 207 34.64 -14.34 18.64
N PHE A 208 34.85 -13.96 17.39
CA PHE A 208 35.01 -12.53 17.08
C PHE A 208 33.78 -12.01 16.32
N TYR A 209 33.52 -10.71 16.46
CA TYR A 209 32.44 -10.03 15.73
C TYR A 209 32.89 -8.57 15.56
N PRO A 210 32.75 -7.94 14.37
CA PRO A 210 32.10 -8.47 13.17
C PRO A 210 33.00 -9.40 12.39
N ALA A 211 32.56 -9.86 11.24
CA ALA A 211 33.19 -11.00 10.58
C ALA A 211 34.50 -10.73 9.82
N GLU A 212 34.70 -9.53 9.27
CA GLU A 212 35.95 -9.27 8.53
C GLU A 212 37.10 -9.38 9.51
N ILE A 213 37.99 -10.30 9.21
CA ILE A 213 39.19 -10.43 9.95
C ILE A 213 40.26 -10.70 8.93
N THR A 214 41.04 -9.66 8.67
CA THR A 214 42.25 -9.79 7.88
C THR A 214 43.28 -10.44 8.83
N LEU A 215 43.83 -11.59 8.43
CA LEU A 215 44.83 -12.27 9.26
C LEU A 215 45.97 -12.78 8.37
N THR A 216 47.17 -12.25 8.63
CA THR A 216 48.38 -12.41 7.80
C THR A 216 49.36 -13.39 8.43
N TRP A 217 50.40 -13.75 7.67
CA TRP A 217 51.59 -14.43 8.18
C TRP A 217 52.84 -13.67 7.75
N GLN A 218 53.50 -13.02 8.72
CA GLN A 218 54.70 -12.22 8.48
C GLN A 218 55.81 -13.15 8.08
N ARG A 219 56.26 -12.99 6.84
CA ARG A 219 57.51 -13.56 6.37
C ARG A 219 58.64 -12.75 7.05
N ASP A 220 59.42 -13.38 7.92
CA ASP A 220 60.52 -12.68 8.61
C ASP A 220 61.13 -11.55 7.76
N GLY A 221 61.47 -11.86 6.49
CA GLY A 221 61.94 -10.89 5.46
C GLY A 221 61.41 -11.18 4.06
N GLU A 222 60.60 -10.27 3.48
CA GLU A 222 59.66 -10.60 2.38
C GLU A 222 59.65 -9.71 1.11
N ASP A 223 58.80 -10.16 0.16
CA ASP A 223 58.16 -9.30 -0.85
C ASP A 223 56.61 -9.39 -0.62
N GLN A 224 55.84 -8.38 -1.06
CA GLN A 224 54.45 -8.11 -0.53
C GLN A 224 53.25 -8.84 -1.25
N THR A 225 53.52 -9.99 -1.89
CA THR A 225 52.54 -11.13 -2.00
C THR A 225 53.22 -12.36 -1.35
N GLN A 226 52.49 -13.05 -0.45
CA GLN A 226 53.05 -14.20 0.31
C GLN A 226 52.02 -15.37 0.58
N ASP A 227 52.57 -16.60 0.59
CA ASP A 227 51.85 -17.90 0.40
C ASP A 227 51.47 -18.59 1.72
N THR A 228 50.28 -18.21 2.19
CA THR A 228 49.51 -18.93 3.22
C THR A 228 48.48 -19.84 2.47
N GLU A 229 47.48 -20.38 3.19
CA GLU A 229 46.18 -20.76 2.59
C GLU A 229 45.16 -21.01 3.72
N LEU A 230 44.01 -20.34 3.57
CA LEU A 230 43.05 -20.07 4.64
C LEU A 230 41.64 -20.62 4.29
N VAL A 231 40.92 -21.12 5.30
CA VAL A 231 39.49 -21.45 5.15
C VAL A 231 38.71 -20.16 5.16
N GLU A 232 37.51 -20.16 4.59
CA GLU A 232 36.63 -18.99 4.68
C GLU A 232 36.07 -18.85 6.10
N THR A 233 36.02 -17.60 6.55
CA THR A 233 35.35 -17.26 7.79
C THR A 233 34.03 -18.05 7.90
N ARG A 234 33.83 -18.72 9.03
CA ARG A 234 32.65 -19.54 9.17
C ARG A 234 31.84 -19.15 10.41
N PRO A 235 30.51 -19.29 10.34
CA PRO A 235 29.72 -18.94 11.52
C PRO A 235 29.98 -19.86 12.74
N ALA A 236 30.20 -19.32 13.93
CA ALA A 236 30.13 -20.14 15.13
C ALA A 236 28.70 -20.67 15.46
N GLY A 237 27.62 -20.05 14.96
CA GLY A 237 26.24 -20.52 15.25
C GLY A 237 25.53 -19.71 16.37
N ASP A 238 26.31 -19.28 17.35
CA ASP A 238 25.92 -18.20 18.28
C ASP A 238 26.22 -16.86 17.56
N GLY A 239 26.25 -15.74 18.30
CA GLY A 239 26.81 -14.46 17.72
C GLY A 239 27.97 -14.59 16.71
N THR A 240 29.10 -15.09 17.21
CA THR A 240 30.42 -14.91 16.64
C THR A 240 30.74 -15.65 15.31
N PHE A 241 31.94 -15.41 14.78
CA PHE A 241 32.52 -16.11 13.62
C PHE A 241 33.95 -16.63 13.96
N GLN A 242 34.46 -17.60 13.17
CA GLN A 242 35.79 -18.22 13.39
C GLN A 242 36.58 -18.54 12.09
N LYS A 243 37.90 -18.59 12.17
CA LYS A 243 38.75 -18.66 10.98
C LYS A 243 40.21 -18.97 11.30
N TRP A 244 40.91 -19.59 10.33
CA TRP A 244 42.35 -19.85 10.41
C TRP A 244 43.13 -19.70 9.09
N ALA A 245 44.38 -19.25 9.22
CA ALA A 245 45.38 -19.16 8.11
C ALA A 245 46.62 -20.04 8.37
N ALA A 246 47.07 -20.80 7.36
CA ALA A 246 48.18 -21.77 7.46
C ALA A 246 49.29 -21.41 6.50
N VAL A 247 50.49 -21.21 7.03
CA VAL A 247 51.73 -21.12 6.23
C VAL A 247 52.67 -22.33 6.54
N VAL A 248 53.25 -22.89 5.47
CA VAL A 248 54.17 -24.06 5.54
C VAL A 248 55.62 -23.59 5.87
N VAL A 249 56.32 -24.36 6.69
CA VAL A 249 57.67 -24.00 7.21
C VAL A 249 58.62 -25.23 7.22
N PRO A 250 59.96 -25.01 7.27
CA PRO A 250 60.94 -26.09 7.39
C PRO A 250 60.49 -27.39 8.12
N SER A 251 60.60 -28.52 7.41
CA SER A 251 60.32 -29.88 7.90
C SER A 251 60.99 -30.17 9.27
N GLY A 252 60.51 -29.47 10.31
CA GLY A 252 61.22 -29.32 11.59
C GLY A 252 61.62 -27.89 12.01
N GLN A 253 61.15 -27.50 13.20
CA GLN A 253 61.71 -26.41 14.06
C GLN A 253 61.99 -25.06 13.38
N GLU A 254 61.00 -24.17 13.36
CA GLU A 254 61.26 -22.78 12.90
C GLU A 254 60.27 -21.75 13.47
N GLN A 255 60.83 -20.76 14.18
CA GLN A 255 60.13 -19.62 14.81
C GLN A 255 60.48 -18.34 14.01
N ARG A 256 60.52 -18.40 12.68
CA ARG A 256 60.96 -17.24 11.87
C ARG A 256 59.77 -16.34 11.42
N TYR A 257 58.57 -16.93 11.33
CA TYR A 257 57.34 -16.28 10.81
C TYR A 257 56.36 -16.04 11.95
N THR A 258 55.42 -15.09 11.76
CA THR A 258 54.51 -14.69 12.86
C THR A 258 53.17 -14.02 12.41
N CYS A 259 52.12 -14.28 13.18
CA CYS A 259 50.75 -13.96 12.82
C CYS A 259 50.42 -12.46 13.05
N HIS A 260 50.27 -11.72 11.95
CA HIS A 260 49.74 -10.33 11.95
C HIS A 260 48.19 -10.47 11.89
N VAL A 261 47.50 -10.24 13.01
CA VAL A 261 46.03 -10.33 13.11
C VAL A 261 45.49 -8.95 13.41
N GLN A 262 44.70 -8.36 12.50
CA GLN A 262 44.10 -7.01 12.69
C GLN A 262 42.60 -7.17 12.58
N HIS A 263 41.90 -6.93 13.67
CA HIS A 263 40.45 -7.05 13.72
C HIS A 263 39.95 -5.80 14.35
N GLU A 264 38.87 -5.21 13.83
CA GLU A 264 38.51 -3.85 14.28
C GLU A 264 38.41 -3.76 15.81
N GLY A 265 37.93 -4.82 16.44
CA GLY A 265 37.85 -4.89 17.91
C GLY A 265 39.15 -5.19 18.63
N LEU A 266 40.21 -4.45 18.32
CA LEU A 266 41.56 -4.84 18.75
C LEU A 266 42.50 -3.64 18.63
N PRO A 267 42.84 -3.01 19.77
CA PRO A 267 43.69 -1.82 19.62
C PRO A 267 45.00 -2.16 18.91
N LYS A 268 45.67 -3.18 19.44
CA LYS A 268 47.01 -3.58 19.00
C LYS A 268 46.86 -4.84 18.13
N PRO A 269 47.08 -4.72 16.80
CA PRO A 269 47.27 -5.94 15.98
C PRO A 269 48.15 -7.03 16.66
N LEU A 270 47.72 -8.28 16.57
CA LEU A 270 48.01 -9.31 17.57
C LEU A 270 49.07 -10.34 17.12
N THR A 271 50.33 -10.11 17.51
CA THR A 271 51.44 -11.00 17.14
C THR A 271 51.41 -12.28 17.96
N LEU A 272 51.54 -13.44 17.30
CA LEU A 272 51.71 -14.72 18.03
C LEU A 272 52.77 -15.67 17.41
N ARG A 273 53.78 -16.05 18.24
CA ARG A 273 54.79 -17.08 17.92
C ARG A 273 54.33 -18.45 18.45
N TRP A 274 54.83 -19.52 17.85
CA TRP A 274 54.50 -20.89 18.29
C TRP A 274 55.10 -21.26 19.67
N GLU A 275 54.23 -21.73 20.58
CA GLU A 275 54.65 -22.49 21.77
C GLU A 275 53.52 -23.41 22.34
N PRO A 276 53.88 -24.61 22.95
CA PRO A 276 52.89 -25.48 23.61
C PRO A 276 51.60 -24.81 24.19
N MET B 1 21.18 -20.72 -16.65
CA MET B 1 21.46 -21.75 -15.60
C MET B 1 22.94 -21.74 -15.19
N ILE B 2 23.17 -21.80 -13.89
CA ILE B 2 24.44 -22.29 -13.41
C ILE B 2 24.23 -23.14 -12.15
N GLN B 3 25.07 -24.15 -12.00
CA GLN B 3 25.15 -24.92 -10.78
C GLN B 3 26.52 -24.81 -10.22
N ARG B 4 26.57 -24.86 -8.91
CA ARG B 4 27.78 -24.60 -8.17
C ARG B 4 27.77 -25.61 -7.08
N THR B 5 28.87 -26.37 -6.93
CA THR B 5 28.89 -27.43 -5.92
C THR B 5 29.26 -26.88 -4.57
N PRO B 6 28.82 -27.50 -3.51
CA PRO B 6 29.06 -26.96 -2.22
C PRO B 6 30.43 -27.17 -1.68
N LYS B 7 30.80 -26.31 -0.76
CA LYS B 7 31.94 -26.46 0.09
C LYS B 7 31.39 -26.70 1.46
N ILE B 8 32.09 -27.54 2.20
CA ILE B 8 31.57 -28.13 3.43
C ILE B 8 32.63 -28.01 4.53
N GLN B 9 32.37 -27.35 5.64
CA GLN B 9 33.17 -27.53 6.83
C GLN B 9 32.27 -28.14 7.93
N VAL B 10 32.81 -29.13 8.64
CA VAL B 10 32.16 -29.68 9.83
C VAL B 10 33.05 -29.33 11.02
N TYR B 11 32.41 -28.81 12.08
CA TYR B 11 33.16 -28.24 13.18
C TYR B 11 32.32 -28.11 14.46
N SER B 12 33.05 -27.65 15.50
CA SER B 12 32.55 -27.40 16.84
C SER B 12 32.27 -25.89 16.97
N ARG B 13 31.32 -25.52 17.81
CA ARG B 13 31.11 -24.09 18.13
C ARG B 13 32.26 -23.55 18.98
N HIS B 14 32.43 -24.11 20.17
CA HIS B 14 33.50 -23.72 21.10
C HIS B 14 34.64 -24.77 21.02
N PRO B 15 35.73 -24.60 21.81
CA PRO B 15 36.72 -25.69 21.83
C PRO B 15 36.21 -26.96 22.58
N ALA B 16 35.84 -27.99 21.80
CA ALA B 16 35.32 -29.26 22.34
C ALA B 16 36.20 -29.86 23.42
N GLU B 17 35.75 -29.79 24.67
CA GLU B 17 36.33 -30.56 25.77
C GLU B 17 35.65 -31.94 25.74
N ASN B 18 36.37 -32.97 26.20
CA ASN B 18 35.89 -34.35 26.16
C ASN B 18 34.55 -34.59 26.84
N GLY B 19 34.44 -34.23 28.12
CA GLY B 19 33.21 -34.50 28.90
C GLY B 19 32.15 -33.40 28.96
N LYS B 20 32.04 -32.56 27.93
CA LYS B 20 31.28 -31.26 27.99
C LYS B 20 30.36 -31.01 26.79
N SER B 21 29.21 -30.39 27.07
CA SER B 21 28.20 -30.09 26.05
C SER B 21 28.66 -28.91 25.18
N ASN B 22 28.30 -29.00 23.90
CA ASN B 22 28.86 -28.14 22.84
C ASN B 22 27.89 -28.25 21.64
N PHE B 23 28.20 -27.59 20.52
CA PHE B 23 27.38 -27.63 19.31
C PHE B 23 28.25 -28.15 18.17
N LEU B 24 27.70 -29.16 17.47
CA LEU B 24 28.25 -29.73 16.22
C LEU B 24 27.65 -28.99 15.04
N ASN B 25 28.55 -28.47 14.20
CA ASN B 25 28.18 -27.52 13.16
C ASN B 25 28.66 -28.09 11.85
N CYS B 26 27.79 -28.09 10.85
CA CYS B 26 28.17 -28.28 9.43
C CYS B 26 27.78 -27.07 8.54
N TYR B 27 28.78 -26.34 8.05
CA TYR B 27 28.56 -25.16 7.22
C TYR B 27 28.74 -25.48 5.75
N VAL B 28 27.64 -25.47 5.03
CA VAL B 28 27.71 -25.58 3.58
C VAL B 28 27.48 -24.25 2.87
N SER B 29 28.37 -23.96 1.93
CA SER B 29 28.39 -22.67 1.29
C SER B 29 28.76 -22.79 -0.18
N GLY B 30 28.43 -21.77 -0.96
CA GLY B 30 28.91 -21.65 -2.33
C GLY B 30 28.11 -22.37 -3.37
N PHE B 31 26.91 -22.78 -3.04
CA PHE B 31 26.28 -23.84 -3.81
C PHE B 31 24.97 -23.40 -4.40
N HIS B 32 24.66 -23.98 -5.56
CA HIS B 32 23.49 -23.61 -6.34
C HIS B 32 23.08 -24.85 -7.19
N PRO B 33 21.81 -25.34 -7.13
CA PRO B 33 20.66 -24.71 -6.47
C PRO B 33 20.62 -24.79 -4.95
N SER B 34 19.52 -24.31 -4.38
CA SER B 34 19.27 -24.21 -2.96
C SER B 34 18.94 -25.57 -2.36
N ASP B 35 18.20 -26.40 -3.10
CA ASP B 35 17.86 -27.80 -2.67
C ASP B 35 19.16 -28.62 -2.30
N ILE B 36 19.39 -28.93 -1.02
CA ILE B 36 20.59 -29.68 -0.64
C ILE B 36 20.32 -30.69 0.51
N GLU B 37 20.92 -31.87 0.43
CA GLU B 37 20.73 -32.96 1.39
C GLU B 37 21.89 -32.83 2.42
N VAL B 38 21.60 -32.43 3.66
CA VAL B 38 22.65 -32.43 4.67
C VAL B 38 22.27 -33.29 5.83
N ASP B 39 23.26 -34.03 6.35
CA ASP B 39 23.08 -34.87 7.50
C ASP B 39 24.30 -34.91 8.37
N LEU B 40 24.01 -34.90 9.67
CA LEU B 40 25.01 -34.98 10.69
C LEU B 40 24.93 -36.38 11.17
N LEU B 41 26.10 -36.97 11.37
CA LEU B 41 26.21 -38.37 11.76
C LEU B 41 26.86 -38.51 13.13
N LYS B 42 26.23 -39.27 14.05
CA LYS B 42 26.93 -39.81 15.25
C LYS B 42 27.23 -41.28 15.02
N ASN B 43 28.52 -41.61 15.04
CA ASN B 43 28.99 -43.00 14.82
C ASN B 43 28.47 -43.60 13.48
N GLY B 44 28.39 -42.74 12.46
CA GLY B 44 27.88 -43.11 11.14
C GLY B 44 26.37 -43.29 11.01
N GLU B 45 25.62 -43.17 12.12
CA GLU B 45 24.15 -43.16 12.13
C GLU B 45 23.77 -41.68 12.06
N ARG B 46 22.58 -41.36 11.58
CA ARG B 46 22.17 -39.91 11.46
C ARG B 46 21.59 -39.41 12.80
N ILE B 47 21.79 -38.14 13.16
CA ILE B 47 21.09 -37.51 14.31
C ILE B 47 19.73 -37.01 13.84
N GLU B 48 18.65 -37.33 14.56
CA GLU B 48 17.29 -36.90 14.18
C GLU B 48 16.98 -35.43 14.54
N LYS B 49 17.56 -34.91 15.64
CA LYS B 49 17.39 -33.51 16.08
C LYS B 49 18.49 -32.63 15.52
N VAL B 50 18.20 -32.02 14.36
CA VAL B 50 19.14 -31.18 13.61
C VAL B 50 18.36 -29.96 13.07
N GLU B 51 18.98 -28.79 13.09
CA GLU B 51 18.34 -27.60 12.53
C GLU B 51 19.28 -26.79 11.65
N HIS B 52 18.76 -25.70 11.05
CA HIS B 52 19.52 -24.86 10.15
C HIS B 52 19.20 -23.35 10.12
N SER B 53 20.14 -22.60 9.56
CA SER B 53 20.02 -21.16 9.39
C SER B 53 18.98 -20.93 8.33
N ASP B 54 18.24 -19.82 8.39
CA ASP B 54 17.34 -19.48 7.28
C ASP B 54 18.19 -19.26 6.02
N LEU B 55 17.65 -19.58 4.88
CA LEU B 55 18.46 -19.60 3.68
C LEU B 55 18.82 -18.18 3.24
N SER B 56 20.11 -17.97 3.09
CA SER B 56 20.60 -16.70 2.55
C SER B 56 21.67 -16.99 1.50
N PHE B 57 22.21 -15.94 0.90
CA PHE B 57 23.18 -16.04 -0.17
C PHE B 57 24.17 -14.90 -0.25
N SER B 58 25.06 -15.00 -1.21
CA SER B 58 26.24 -14.18 -1.29
C SER B 58 26.23 -13.28 -2.50
N LYS B 59 27.26 -12.46 -2.65
CA LYS B 59 27.34 -11.58 -3.78
C LYS B 59 27.30 -12.34 -5.09
N ASP B 60 27.82 -13.59 -5.14
CA ASP B 60 27.67 -14.46 -6.36
C ASP B 60 26.34 -15.24 -6.51
N TRP B 61 25.39 -15.03 -5.61
CA TRP B 61 24.08 -15.66 -5.60
C TRP B 61 24.05 -17.10 -5.00
N SER B 62 25.20 -17.54 -4.51
CA SER B 62 25.40 -18.78 -3.79
C SER B 62 24.75 -18.85 -2.48
N PHE B 63 24.28 -20.04 -2.20
CA PHE B 63 23.73 -20.28 -0.91
C PHE B 63 24.76 -20.71 0.17
N TYR B 64 24.40 -20.37 1.41
CA TYR B 64 24.98 -20.94 2.61
C TYR B 64 23.90 -21.31 3.64
N LEU B 65 24.11 -22.48 4.23
CA LEU B 65 23.33 -22.97 5.31
C LEU B 65 24.29 -23.40 6.38
N LEU B 66 23.91 -23.11 7.63
CA LEU B 66 24.58 -23.67 8.80
C LEU B 66 23.63 -24.65 9.49
N TYR B 67 24.03 -25.93 9.48
CA TYR B 67 23.31 -27.05 10.05
C TYR B 67 24.00 -27.40 11.39
N TYR B 68 23.23 -27.49 12.48
CA TYR B 68 23.79 -27.79 13.80
C TYR B 68 22.88 -28.65 14.65
N THR B 69 23.53 -29.29 15.62
CA THR B 69 22.89 -29.98 16.73
C THR B 69 23.74 -29.80 17.99
N GLU B 70 23.14 -29.90 19.18
CA GLU B 70 23.96 -29.87 20.39
C GLU B 70 24.40 -31.29 20.78
N PHE B 71 25.62 -31.43 21.32
CA PHE B 71 26.26 -32.75 21.55
C PHE B 71 27.36 -32.81 22.66
N THR B 72 27.52 -34.00 23.26
CA THR B 72 28.67 -34.29 24.14
C THR B 72 29.66 -35.23 23.38
N PRO B 73 30.82 -34.70 22.88
CA PRO B 73 31.86 -35.55 22.19
C PRO B 73 32.65 -36.56 23.07
N THR B 74 33.12 -37.67 22.49
CA THR B 74 33.33 -38.94 23.26
C THR B 74 34.74 -39.63 23.26
N GLU B 75 35.83 -38.89 22.96
CA GLU B 75 37.20 -39.48 22.74
C GLU B 75 37.12 -40.40 21.51
N LYS B 76 36.75 -41.67 21.68
CA LYS B 76 36.19 -42.47 20.57
C LYS B 76 34.77 -41.98 20.20
N ASP B 77 34.73 -41.02 19.29
CA ASP B 77 33.49 -40.53 18.67
C ASP B 77 33.69 -40.62 17.17
N GLU B 78 32.62 -40.89 16.41
CA GLU B 78 32.76 -40.98 14.94
C GLU B 78 31.80 -39.96 14.26
N TYR B 79 31.98 -38.68 14.62
CA TYR B 79 31.17 -37.60 14.04
C TYR B 79 31.55 -37.18 12.60
N ALA B 80 30.53 -36.80 11.82
CA ALA B 80 30.73 -36.45 10.41
C ALA B 80 29.53 -35.77 9.73
N CYS B 81 29.82 -34.98 8.70
CA CYS B 81 28.79 -34.33 7.86
C CYS B 81 28.66 -35.06 6.53
N ARG B 82 27.46 -35.54 6.20
CA ARG B 82 27.15 -36.24 4.92
C ARG B 82 26.24 -35.33 4.10
N VAL B 83 26.56 -35.15 2.82
CA VAL B 83 26.04 -34.04 2.01
C VAL B 83 25.91 -34.44 0.56
N ASN B 84 24.69 -34.30 0.02
CA ASN B 84 24.42 -34.55 -1.40
C ASN B 84 23.88 -33.32 -2.09
N HIS B 85 24.20 -33.18 -3.37
CA HIS B 85 23.68 -32.10 -4.15
C HIS B 85 23.71 -32.62 -5.57
N VAL B 86 22.92 -32.00 -6.47
CA VAL B 86 22.96 -32.36 -7.89
C VAL B 86 24.34 -32.28 -8.53
N THR B 87 25.25 -31.51 -7.96
CA THR B 87 26.52 -31.27 -8.58
C THR B 87 27.49 -32.32 -8.22
N LEU B 88 27.24 -32.96 -7.08
CA LEU B 88 27.93 -34.17 -6.67
C LEU B 88 27.47 -35.49 -7.45
N SER B 89 28.42 -36.23 -8.02
CA SER B 89 28.08 -37.47 -8.68
C SER B 89 27.69 -38.57 -7.65
N GLN B 90 28.01 -38.37 -6.39
CA GLN B 90 27.66 -39.31 -5.34
C GLN B 90 27.80 -38.51 -4.07
N PRO B 91 27.16 -38.94 -2.96
CA PRO B 91 27.33 -38.19 -1.68
C PRO B 91 28.75 -38.15 -1.14
N LYS B 92 28.98 -37.21 -0.25
CA LYS B 92 30.31 -36.79 0.17
C LYS B 92 30.24 -36.54 1.66
N ILE B 93 30.97 -37.34 2.40
CA ILE B 93 30.94 -37.34 3.84
C ILE B 93 32.22 -36.61 4.28
N VAL B 94 32.13 -35.76 5.29
CA VAL B 94 33.30 -35.06 5.82
C VAL B 94 33.36 -35.34 7.32
N LYS B 95 34.58 -35.63 7.77
CA LYS B 95 34.86 -36.14 9.10
C LYS B 95 35.17 -34.95 9.97
N TRP B 96 34.59 -34.89 11.16
CA TRP B 96 35.05 -33.96 12.19
C TRP B 96 36.33 -34.53 12.79
N ASP B 97 37.29 -33.67 13.08
CA ASP B 97 38.23 -33.97 14.16
C ASP B 97 38.35 -32.59 14.83
N ARG B 98 38.26 -32.55 16.18
CA ARG B 98 38.89 -31.48 16.97
C ARG B 98 40.26 -31.21 16.29
N ASP B 99 40.78 -30.00 16.42
CA ASP B 99 42.04 -29.61 15.73
C ASP B 99 41.82 -29.26 14.23
N MET B 100 40.67 -29.69 13.65
CA MET B 100 40.45 -29.98 12.17
C MET B 100 41.12 -31.32 11.68
N ALA C 1 11.29 -4.24 4.63
N ALA C 1 13.42 -1.46 7.81
CA ALA C 1 11.30 -4.40 3.15
CA ALA C 1 12.24 -1.64 6.98
C ALA C 1 11.03 -3.07 2.43
C ALA C 1 12.71 -1.73 5.55
N ALA C 2 11.20 -3.02 1.11
N ALA C 2 11.94 -2.48 4.75
CA ALA C 2 10.89 -1.81 0.33
CA ALA C 2 12.23 -2.90 3.36
C ALA C 2 9.37 -1.67 0.24
C ALA C 2 11.48 -2.15 2.22
N GLY C 3 8.91 -0.45 0.03
N GLY C 3 12.09 -2.15 1.03
CA GLY C 3 7.53 -0.22 -0.27
CA GLY C 3 11.59 -1.40 -0.12
C GLY C 3 7.35 0.25 -1.69
C GLY C 3 10.11 -1.54 -0.45
N ILE C 4 8.34 0.92 -2.23
N ILE C 4 9.55 -0.45 -0.98
CA ILE C 4 8.22 1.37 -3.59
CA ILE C 4 8.53 -0.57 -2.04
C ILE C 4 9.22 0.67 -4.52
C ILE C 4 8.91 0.15 -3.35
N GLY C 5 8.94 0.74 -5.82
N GLY C 5 9.90 -0.41 -4.06
CA GLY C 5 9.84 0.31 -6.91
CA GLY C 5 10.21 -0.07 -5.48
C GLY C 5 9.84 -1.19 -7.27
C GLY C 5 10.46 -1.35 -6.31
N ILE C 6 9.07 -2.01 -6.57
N ILE C 6 9.37 -2.11 -6.47
CA ILE C 6 9.20 -3.45 -6.67
CA ILE C 6 9.43 -3.51 -6.75
C ILE C 6 8.18 -3.96 -7.68
C ILE C 6 8.27 -3.93 -7.68
N LEU C 7 8.64 -4.28 -8.90
CA LEU C 7 7.76 -4.74 -9.95
C LEU C 7 8.13 -6.10 -10.58
N THR C 8 7.15 -6.67 -11.25
CA THR C 8 7.36 -7.87 -11.99
C THR C 8 8.20 -7.50 -13.22
N VAL C 9 9.02 -8.46 -13.68
CA VAL C 9 9.93 -8.30 -14.84
C VAL C 9 9.18 -8.41 -16.22
N GLN D 1 -8.87 8.71 13.89
CA GLN D 1 -7.64 8.53 13.05
C GLN D 1 -6.34 9.08 13.69
N LYS D 2 -5.71 8.22 14.50
CA LYS D 2 -4.34 8.37 14.95
C LYS D 2 -3.41 8.28 13.76
N GLU D 3 -3.66 7.35 12.85
CA GLU D 3 -2.69 6.97 11.82
C GLU D 3 -2.46 8.05 10.79
N VAL D 4 -3.54 8.76 10.43
CA VAL D 4 -3.52 9.83 9.44
C VAL D 4 -4.56 10.97 9.80
N GLU D 5 -4.10 12.18 10.13
CA GLU D 5 -4.96 13.28 10.65
C GLU D 5 -5.04 14.39 9.62
N GLN D 6 -6.24 14.82 9.30
CA GLN D 6 -6.48 16.01 8.55
C GLN D 6 -7.52 16.82 9.31
N ASN D 7 -7.51 18.14 9.12
CA ASN D 7 -8.56 18.88 9.70
C ASN D 7 -9.75 18.53 8.86
N SER D 8 -10.91 18.48 9.50
CA SER D 8 -12.17 18.20 8.83
C SER D 8 -12.67 19.21 7.86
N GLY D 9 -12.64 20.52 8.21
CA GLY D 9 -13.43 21.55 7.54
C GLY D 9 -14.87 21.54 8.10
N PRO D 10 -15.77 22.27 7.45
CA PRO D 10 -15.48 22.81 6.16
C PRO D 10 -14.57 24.06 6.28
N LEU D 11 -13.75 24.20 5.24
CA LEU D 11 -12.76 25.21 5.02
C LEU D 11 -13.16 25.97 3.73
N SER D 12 -13.28 27.31 3.82
CA SER D 12 -13.58 28.18 2.62
C SER D 12 -12.37 28.83 2.09
N VAL D 13 -12.15 28.74 0.79
CA VAL D 13 -11.24 29.63 0.18
C VAL D 13 -12.03 30.37 -0.89
N PRO D 14 -11.58 31.55 -1.26
CA PRO D 14 -12.36 32.27 -2.27
C PRO D 14 -11.85 31.99 -3.65
N GLU D 15 -12.77 31.96 -4.61
CA GLU D 15 -12.42 31.73 -6.02
C GLU D 15 -11.14 32.48 -6.41
N GLY D 16 -10.16 31.83 -7.00
CA GLY D 16 -8.91 32.47 -7.41
C GLY D 16 -7.75 32.24 -6.46
N ALA D 17 -8.06 31.99 -5.19
CA ALA D 17 -7.02 31.81 -4.19
C ALA D 17 -6.43 30.40 -4.13
N ILE D 18 -5.32 30.28 -3.43
CA ILE D 18 -4.65 29.05 -3.20
C ILE D 18 -5.22 28.37 -1.96
N ALA D 19 -5.73 27.14 -2.14
CA ALA D 19 -6.27 26.33 -1.05
C ALA D 19 -5.12 25.47 -0.73
N SER D 20 -4.96 25.23 0.54
CA SER D 20 -3.80 24.59 1.02
C SER D 20 -4.29 23.65 2.15
N LEU D 21 -4.09 22.34 1.91
CA LEU D 21 -4.65 21.25 2.69
C LEU D 21 -3.52 20.42 3.29
N ASN D 22 -3.64 20.10 4.56
CA ASN D 22 -2.61 19.48 5.31
C ASN D 22 -3.04 18.13 5.86
N CYS D 23 -2.01 17.38 6.20
CA CYS D 23 -2.08 15.99 6.59
C CYS D 23 -0.85 15.63 7.45
N THR D 24 -1.09 14.80 8.46
CA THR D 24 -0.06 14.37 9.35
C THR D 24 -0.28 12.90 9.56
N TYR D 25 0.68 12.10 9.15
CA TYR D 25 0.66 10.67 9.32
C TYR D 25 1.52 10.30 10.50
N SER D 26 1.17 9.23 11.16
CA SER D 26 1.95 8.78 12.29
C SER D 26 2.78 7.52 12.04
N PHE D 27 2.55 6.75 10.97
CA PHE D 27 3.38 5.57 10.64
C PHE D 27 4.75 5.93 10.05
N LEU D 28 5.73 6.08 10.95
CA LEU D 28 7.15 6.32 10.57
C LEU D 28 7.63 5.71 9.23
N GLY D 29 7.19 4.49 8.93
CA GLY D 29 7.68 3.73 7.77
C GLY D 29 6.89 3.82 6.48
N SER D 30 6.13 4.86 6.31
CA SER D 30 5.42 5.01 5.08
C SER D 30 6.37 5.38 4.00
N GLN D 31 6.23 4.83 2.83
CA GLN D 31 7.17 5.16 1.78
C GLN D 31 6.56 5.88 0.59
N SER D 32 5.25 6.11 0.58
CA SER D 32 4.61 6.85 -0.49
C SER D 32 3.30 7.44 -0.07
N PHE D 33 2.87 8.50 -0.73
CA PHE D 33 1.73 9.32 -0.27
C PHE D 33 0.89 9.82 -1.45
N PHE D 34 -0.41 9.91 -1.19
CA PHE D 34 -1.44 9.97 -2.18
C PHE D 34 -2.48 10.99 -1.78
N TRP D 35 -2.96 11.78 -2.74
CA TRP D 35 -4.08 12.65 -2.53
C TRP D 35 -5.20 12.24 -3.43
N TYR D 36 -6.40 12.20 -2.85
CA TYR D 36 -7.66 11.92 -3.57
C TYR D 36 -8.69 13.03 -3.44
N ARG D 37 -9.41 13.26 -4.52
CA ARG D 37 -10.54 14.12 -4.46
C ARG D 37 -11.84 13.34 -4.46
N GLN D 38 -12.80 13.74 -3.63
CA GLN D 38 -14.10 13.10 -3.55
C GLN D 38 -15.32 14.05 -3.61
N TYR D 39 -15.96 14.11 -4.76
CA TYR D 39 -17.19 14.84 -4.88
C TYR D 39 -18.25 14.06 -4.15
N SER D 40 -19.01 14.78 -3.36
CA SER D 40 -20.35 14.36 -2.88
C SER D 40 -21.00 13.30 -3.73
N GLY D 41 -21.13 12.12 -3.13
CA GLY D 41 -21.81 10.96 -3.76
C GLY D 41 -20.94 10.06 -4.57
N LYS D 42 -19.70 10.44 -4.82
CA LYS D 42 -18.85 9.72 -5.74
C LYS D 42 -17.70 9.03 -5.06
N SER D 43 -17.08 8.08 -5.75
CA SER D 43 -15.86 7.43 -5.22
C SER D 43 -14.70 8.32 -5.33
N PRO D 44 -13.69 8.14 -4.52
CA PRO D 44 -12.59 9.08 -4.58
C PRO D 44 -11.85 8.96 -5.90
N GLU D 45 -11.32 10.06 -6.39
CA GLU D 45 -10.59 10.10 -7.68
C GLU D 45 -9.13 10.56 -7.39
N LEU D 46 -8.17 9.90 -7.96
CA LEU D 46 -6.77 10.09 -7.54
C LEU D 46 -6.26 11.37 -8.14
N ILE D 47 -5.88 12.34 -7.34
CA ILE D 47 -5.33 13.56 -7.85
C ILE D 47 -3.85 13.31 -8.10
N MET D 48 -3.11 12.86 -7.09
CA MET D 48 -1.69 12.57 -7.27
C MET D 48 -0.97 11.78 -6.14
N PHE D 49 0.23 11.38 -6.42
CA PHE D 49 1.00 10.63 -5.51
C PHE D 49 2.42 11.19 -5.51
N THR D 50 3.13 10.91 -4.42
CA THR D 50 4.56 11.26 -4.31
C THR D 50 5.21 10.22 -3.43
N TYR D 51 6.45 9.88 -3.73
CA TYR D 51 7.35 9.05 -2.88
C TYR D 51 8.65 9.77 -2.54
N ARG D 52 8.69 11.10 -2.58
CA ARG D 52 9.92 11.79 -2.11
C ARG D 52 9.84 13.19 -1.54
N GLU D 53 10.81 13.52 -0.69
CA GLU D 53 10.82 14.79 -0.04
C GLU D 53 10.69 15.93 -1.07
N GLY D 54 9.84 16.90 -0.79
CA GLY D 54 9.76 18.06 -1.66
C GLY D 54 8.44 18.18 -2.37
N ASP D 55 8.42 18.95 -3.43
CA ASP D 55 7.20 19.38 -4.03
C ASP D 55 6.99 18.64 -5.34
N LYS D 56 5.77 18.24 -5.62
CA LYS D 56 5.43 17.70 -6.89
C LYS D 56 4.30 18.51 -7.46
N GLU D 57 4.50 19.10 -8.65
CA GLU D 57 3.47 19.93 -9.31
C GLU D 57 2.87 19.14 -10.45
N ASP D 58 1.53 19.07 -10.50
CA ASP D 58 0.75 18.62 -11.66
C ASP D 58 -0.30 19.68 -12.01
N GLY D 59 -0.17 20.39 -13.13
CA GLY D 59 -0.92 21.64 -13.30
C GLY D 59 -1.17 22.54 -12.05
N ARG D 60 -2.44 22.64 -11.66
CA ARG D 60 -2.82 23.46 -10.56
C ARG D 60 -2.54 22.83 -9.18
N PHE D 61 -2.05 21.59 -9.14
CA PHE D 61 -1.87 20.88 -7.88
C PHE D 61 -0.43 20.69 -7.55
N THR D 62 -0.14 20.82 -6.28
CA THR D 62 1.18 20.64 -5.82
C THR D 62 1.14 19.89 -4.53
N ALA D 63 1.80 18.74 -4.52
CA ALA D 63 1.89 17.90 -3.33
C ALA D 63 3.22 18.18 -2.68
N GLN D 64 3.29 18.13 -1.35
CA GLN D 64 4.56 18.41 -0.69
C GLN D 64 4.78 17.38 0.33
N LEU D 65 6.02 16.98 0.59
CA LEU D 65 6.30 16.01 1.65
C LEU D 65 7.47 16.35 2.53
N ASN D 66 7.29 16.13 3.82
CA ASN D 66 8.28 16.43 4.84
C ASN D 66 8.22 15.22 5.77
N LYS D 67 9.00 14.20 5.44
CA LYS D 67 9.27 13.01 6.25
C LYS D 67 9.69 13.39 7.67
N ALA D 68 10.51 14.42 7.82
CA ALA D 68 11.00 14.76 9.13
C ALA D 68 9.84 15.09 10.08
N SER D 69 8.83 15.79 9.62
CA SER D 69 7.70 16.07 10.46
C SER D 69 6.50 15.20 10.08
N GLN D 70 6.66 14.29 9.15
CA GLN D 70 5.58 13.38 8.78
C GLN D 70 4.34 14.23 8.43
N HIS D 71 4.55 15.11 7.46
CA HIS D 71 3.58 16.09 7.04
C HIS D 71 3.41 16.01 5.53
N VAL D 72 2.18 16.08 5.03
CA VAL D 72 1.96 16.07 3.58
C VAL D 72 0.95 17.19 3.30
N SER D 73 1.08 17.86 2.16
CA SER D 73 0.17 18.96 1.80
C SER D 73 -0.18 18.85 0.38
N LEU D 74 -1.34 19.44 0.06
CA LEU D 74 -1.80 19.68 -1.31
C LEU D 74 -2.01 21.19 -1.40
N LEU D 75 -1.69 21.78 -2.54
CA LEU D 75 -1.96 23.18 -2.76
C LEU D 75 -2.65 23.22 -4.08
N ILE D 76 -3.70 24.01 -4.14
CA ILE D 76 -4.51 24.14 -5.33
C ILE D 76 -4.47 25.60 -5.75
N ARG D 77 -3.82 25.87 -6.85
CA ARG D 77 -3.61 27.20 -7.36
C ARG D 77 -4.93 27.67 -7.94
N ASP D 78 -5.21 28.99 -7.94
CA ASP D 78 -6.35 29.52 -8.67
C ASP D 78 -7.62 28.66 -8.43
N SER D 79 -8.04 28.47 -7.19
CA SER D 79 -9.20 27.63 -6.87
C SER D 79 -10.51 27.95 -7.63
N GLN D 80 -11.11 26.96 -8.29
CA GLN D 80 -12.44 27.17 -8.91
C GLN D 80 -13.45 26.61 -7.91
N PRO D 81 -14.74 27.00 -8.05
CA PRO D 81 -15.87 26.44 -7.26
C PRO D 81 -16.06 24.96 -7.46
N SER D 82 -15.74 24.47 -8.64
CA SER D 82 -15.81 23.07 -8.99
C SER D 82 -14.69 22.25 -8.37
N ASP D 83 -13.76 22.87 -7.66
CA ASP D 83 -12.85 22.15 -6.75
C ASP D 83 -13.46 21.82 -5.40
N SER D 84 -14.58 22.43 -5.05
CA SER D 84 -15.26 22.03 -3.82
C SER D 84 -15.52 20.53 -3.83
N ALA D 85 -15.03 19.89 -2.79
CA ALA D 85 -14.86 18.47 -2.79
C ALA D 85 -14.25 18.11 -1.45
N THR D 86 -14.21 16.79 -1.10
CA THR D 86 -13.41 16.38 0.05
C THR D 86 -12.08 15.73 -0.36
N TYR D 87 -11.01 16.18 0.28
CA TYR D 87 -9.68 15.90 -0.14
C TYR D 87 -9.19 15.00 0.91
N LEU D 88 -8.72 13.84 0.49
CA LEU D 88 -8.47 12.70 1.32
C LEU D 88 -7.02 12.44 1.15
N CYS D 89 -6.34 12.38 2.27
CA CYS D 89 -4.92 12.08 2.35
C CYS D 89 -4.72 10.56 2.52
N ALA D 90 -3.71 9.96 1.89
CA ALA D 90 -3.40 8.54 2.14
C ALA D 90 -1.94 8.21 2.17
N VAL D 91 -1.65 7.22 2.98
CA VAL D 91 -0.29 6.86 3.30
C VAL D 91 -0.17 5.35 2.96
N ASN D 92 0.83 4.96 2.22
CA ASN D 92 1.10 3.59 2.04
C ASN D 92 1.95 3.03 3.18
N ASP D 93 1.36 2.22 4.05
CA ASP D 93 2.07 1.60 5.16
C ASP D 93 2.49 0.16 4.87
N GLY D 94 2.44 -0.23 3.60
CA GLY D 94 2.99 -1.55 3.14
C GLY D 94 2.01 -2.35 2.33
N GLY D 95 2.11 -2.30 1.02
CA GLY D 95 1.12 -2.97 0.11
C GLY D 95 -0.31 -2.45 0.05
N ARG D 96 -0.60 -1.42 0.81
CA ARG D 96 -1.93 -0.84 0.88
C ARG D 96 -1.91 0.64 1.31
N LEU D 97 -3.04 1.30 1.07
CA LEU D 97 -3.23 2.68 1.44
C LEU D 97 -4.08 2.75 2.66
N THR D 98 -3.68 3.56 3.62
CA THR D 98 -4.42 3.94 4.80
C THR D 98 -4.73 5.45 4.70
N PHE D 99 -5.98 5.77 5.02
CA PHE D 99 -6.59 7.06 4.66
C PHE D 99 -6.95 7.88 5.85
N GLY D 100 -6.88 9.20 5.72
CA GLY D 100 -7.55 10.07 6.71
C GLY D 100 -9.02 10.22 6.39
N ASP D 101 -9.72 11.00 7.19
CA ASP D 101 -11.11 11.17 6.92
C ASP D 101 -11.40 12.33 6.06
N GLY D 102 -10.38 13.03 5.63
CA GLY D 102 -10.54 14.12 4.64
C GLY D 102 -10.76 15.48 5.23
N THR D 103 -10.27 16.51 4.53
CA THR D 103 -10.84 17.82 4.65
C THR D 103 -11.75 18.27 3.43
N THR D 104 -12.95 18.71 3.81
CA THR D 104 -13.96 19.22 2.93
C THR D 104 -13.68 20.68 2.63
N LEU D 105 -13.62 21.04 1.36
CA LEU D 105 -13.28 22.34 0.93
C LEU D 105 -14.47 22.94 0.22
N THR D 106 -14.66 24.26 0.39
CA THR D 106 -15.73 25.00 -0.27
C THR D 106 -15.14 26.20 -0.97
N VAL D 107 -15.25 26.27 -2.27
CA VAL D 107 -14.75 27.40 -2.97
C VAL D 107 -15.94 28.25 -3.28
N LYS D 108 -16.09 29.37 -2.60
CA LYS D 108 -17.22 30.26 -2.77
C LYS D 108 -16.98 31.03 -4.05
N PRO D 109 -17.92 30.94 -4.98
CA PRO D 109 -17.77 31.56 -6.26
C PRO D 109 -17.83 33.07 -6.19
N ASN D 110 -17.26 33.72 -7.20
CA ASN D 110 -17.19 35.15 -7.25
C ASN D 110 -18.39 35.75 -8.02
N ILE D 111 -19.31 36.37 -7.29
CA ILE D 111 -20.54 36.87 -7.91
C ILE D 111 -20.33 38.32 -8.31
N GLN D 112 -20.20 38.53 -9.62
CA GLN D 112 -19.76 39.82 -10.15
C GLN D 112 -20.84 40.89 -10.03
N ASN D 113 -22.05 40.55 -10.48
CA ASN D 113 -23.16 41.48 -10.61
C ASN D 113 -24.38 41.01 -9.82
N PRO D 114 -24.27 41.02 -8.48
CA PRO D 114 -25.36 40.53 -7.64
C PRO D 114 -26.66 41.28 -7.80
N ASP D 115 -27.77 40.55 -7.75
CA ASP D 115 -29.11 41.04 -7.97
C ASP D 115 -30.07 40.33 -6.98
N PRO D 116 -29.84 40.52 -5.66
CA PRO D 116 -30.58 39.69 -4.70
C PRO D 116 -32.09 39.86 -4.85
N ALA D 117 -32.79 38.80 -5.29
CA ALA D 117 -34.28 38.75 -5.50
C ALA D 117 -34.93 37.48 -4.88
N VAL D 118 -36.20 37.57 -4.47
CA VAL D 118 -36.97 36.43 -3.92
C VAL D 118 -38.22 36.28 -4.78
N TYR D 119 -38.43 35.10 -5.33
CA TYR D 119 -39.56 34.92 -6.21
C TYR D 119 -40.51 33.81 -5.76
N GLN D 120 -41.74 33.88 -6.24
CA GLN D 120 -42.74 32.84 -6.09
C GLN D 120 -42.84 32.07 -7.41
N LEU D 121 -42.49 30.80 -7.40
CA LEU D 121 -42.71 29.92 -8.53
C LEU D 121 -43.97 29.07 -8.22
N ARG D 122 -44.91 28.99 -9.17
CA ARG D 122 -46.17 28.26 -8.96
C ARG D 122 -46.03 26.80 -9.58
N ASP D 123 -46.89 25.83 -9.20
CA ASP D 123 -46.79 24.40 -9.71
C ASP D 123 -47.42 24.19 -11.10
N SER D 124 -46.69 23.49 -11.98
CA SER D 124 -47.26 22.93 -13.22
C SER D 124 -48.64 22.32 -12.99
N LYS D 125 -48.73 21.30 -12.14
CA LYS D 125 -50.05 20.71 -11.79
C LYS D 125 -50.90 21.63 -10.90
N SER D 126 -52.16 21.80 -11.32
CA SER D 126 -53.06 22.88 -10.86
C SER D 126 -53.37 22.83 -9.35
N SER D 127 -52.44 23.42 -8.57
CA SER D 127 -52.49 23.35 -7.10
C SER D 127 -52.12 24.71 -6.40
N ASP D 128 -52.72 24.94 -5.22
CA ASP D 128 -52.27 26.02 -4.32
C ASP D 128 -51.01 25.53 -3.60
N LYS D 129 -49.98 25.29 -4.40
CA LYS D 129 -48.76 24.68 -3.95
C LYS D 129 -47.68 25.56 -4.60
N SER D 130 -46.77 26.05 -3.76
CA SER D 130 -45.72 26.92 -4.25
C SER D 130 -44.48 26.99 -3.39
N VAL D 131 -43.44 27.44 -4.06
CA VAL D 131 -42.13 27.52 -3.51
C VAL D 131 -41.57 28.96 -3.69
N CYS D 132 -40.76 29.37 -2.72
CA CYS D 132 -40.06 30.65 -2.71
C CYS D 132 -38.62 30.39 -3.12
N LEU D 133 -38.05 31.29 -3.96
CA LEU D 133 -36.70 31.13 -4.53
C LEU D 133 -35.79 32.37 -4.27
N PHE D 134 -34.87 32.28 -3.32
CA PHE D 134 -33.92 33.34 -3.06
C PHE D 134 -32.78 33.07 -4.01
N THR D 135 -32.59 33.96 -4.97
CA THR D 135 -31.62 33.81 -6.04
C THR D 135 -30.85 35.11 -6.21
N ASP D 136 -29.69 34.97 -6.87
CA ASP D 136 -28.80 36.09 -7.27
C ASP D 136 -28.16 36.99 -6.18
N PHE D 137 -28.25 36.56 -4.93
CA PHE D 137 -27.38 37.06 -3.91
C PHE D 137 -25.92 36.64 -4.14
N ASP D 138 -25.03 37.39 -3.52
CA ASP D 138 -23.63 37.15 -3.64
C ASP D 138 -23.24 36.29 -2.47
N SER D 139 -21.96 35.91 -2.43
CA SER D 139 -21.50 34.78 -1.64
C SER D 139 -21.32 35.12 -0.16
N GLN D 140 -21.36 36.43 0.16
CA GLN D 140 -21.17 36.90 1.56
C GLN D 140 -22.41 36.54 2.41
N THR D 141 -23.57 36.57 1.75
CA THR D 141 -24.81 36.04 2.26
C THR D 141 -24.77 34.53 2.52
N ASN D 142 -25.20 34.13 3.72
CA ASN D 142 -25.46 32.72 4.09
C ASN D 142 -26.95 32.63 4.40
N VAL D 143 -27.54 31.49 4.08
CA VAL D 143 -29.00 31.24 4.20
C VAL D 143 -29.24 30.38 5.44
N SER D 144 -30.24 30.69 6.28
CA SER D 144 -30.49 29.88 7.51
C SER D 144 -31.73 29.05 7.36
N GLN D 145 -31.70 27.81 7.88
CA GLN D 145 -32.90 26.91 8.01
C GLN D 145 -34.07 27.64 8.74
N SER D 146 -35.35 27.33 8.47
CA SER D 146 -36.41 27.89 9.34
C SER D 146 -36.47 26.95 10.52
N LYS D 147 -36.34 27.51 11.71
CA LYS D 147 -36.55 26.76 12.91
C LYS D 147 -38.05 26.77 13.27
N ASP D 148 -38.92 27.23 12.35
CA ASP D 148 -40.31 26.76 12.30
C ASP D 148 -40.38 25.43 11.50
N SER D 149 -41.01 24.44 12.12
CA SER D 149 -41.32 23.16 11.49
C SER D 149 -42.34 23.31 10.36
N ASP D 150 -42.50 22.23 9.59
CA ASP D 150 -43.31 22.22 8.36
C ASP D 150 -43.10 23.43 7.44
N VAL D 151 -41.92 24.06 7.51
CA VAL D 151 -41.37 24.90 6.42
C VAL D 151 -39.88 24.53 6.25
N TYR D 152 -39.54 24.26 4.99
CA TYR D 152 -38.27 23.65 4.60
C TYR D 152 -37.62 24.75 3.86
N ILE D 153 -36.32 24.93 4.05
CA ILE D 153 -35.61 25.80 3.14
C ILE D 153 -34.23 25.25 2.96
N THR D 154 -33.75 25.19 1.71
CA THR D 154 -32.51 24.44 1.40
C THR D 154 -31.34 25.34 1.59
N ASP D 155 -30.15 24.74 1.71
CA ASP D 155 -28.90 25.53 1.62
C ASP D 155 -28.69 26.22 0.26
N LYS D 156 -27.73 27.14 0.20
CA LYS D 156 -27.49 27.92 -1.01
C LYS D 156 -26.77 27.03 -1.95
N CYS D 157 -26.80 27.41 -3.23
CA CYS D 157 -26.22 26.60 -4.30
C CYS D 157 -25.88 27.35 -5.62
N VAL D 158 -24.63 27.12 -6.06
CA VAL D 158 -24.00 27.66 -7.32
C VAL D 158 -24.37 26.94 -8.68
N LEU D 159 -24.73 27.72 -9.70
CA LEU D 159 -25.13 27.21 -11.00
C LEU D 159 -24.56 28.01 -12.16
N ASP D 160 -23.59 27.43 -12.88
CA ASP D 160 -23.09 28.06 -14.12
C ASP D 160 -24.09 27.98 -15.26
N MET D 161 -24.37 29.09 -15.92
CA MET D 161 -24.92 29.05 -17.27
C MET D 161 -23.71 29.09 -18.21
N ARG D 162 -22.95 27.99 -18.31
CA ARG D 162 -21.56 27.95 -18.87
C ARG D 162 -21.30 28.99 -19.99
N SER D 163 -22.31 29.17 -20.85
CA SER D 163 -22.28 29.98 -22.09
C SER D 163 -22.91 31.40 -22.03
N MET D 164 -23.30 31.83 -20.83
CA MET D 164 -23.76 33.20 -20.54
C MET D 164 -22.75 33.86 -19.56
N ASP D 165 -21.57 33.23 -19.38
CA ASP D 165 -20.51 33.60 -18.40
C ASP D 165 -20.94 33.92 -16.94
N PHE D 166 -22.09 33.38 -16.56
CA PHE D 166 -22.87 33.90 -15.48
C PHE D 166 -23.09 32.81 -14.45
N LYS D 167 -22.62 33.06 -13.22
CA LYS D 167 -22.86 32.19 -12.07
C LYS D 167 -24.00 32.76 -11.25
N SER D 168 -24.77 31.87 -10.63
CA SER D 168 -25.88 32.29 -9.76
C SER D 168 -25.94 31.46 -8.50
N ASN D 169 -25.94 32.13 -7.33
CA ASN D 169 -26.44 31.55 -6.09
C ASN D 169 -27.97 31.51 -6.07
N SER D 170 -28.50 30.58 -5.27
CA SER D 170 -29.94 30.21 -5.29
C SER D 170 -30.21 29.41 -4.02
N ALA D 171 -31.35 29.63 -3.43
CA ALA D 171 -31.80 28.81 -2.33
C ALA D 171 -33.26 28.77 -2.42
N VAL D 172 -33.87 27.68 -1.95
CA VAL D 172 -35.26 27.43 -2.11
C VAL D 172 -35.89 27.13 -0.76
N ALA D 173 -37.11 27.66 -0.62
CA ALA D 173 -37.97 27.44 0.54
C ALA D 173 -39.34 27.02 0.12
N TRP D 174 -39.95 26.12 0.86
CA TRP D 174 -41.35 25.89 0.65
C TRP D 174 -42.03 25.47 1.92
N SER D 175 -43.35 25.45 1.84
CA SER D 175 -44.20 24.93 2.90
C SER D 175 -45.47 24.41 2.26
N ASN D 176 -46.22 23.58 2.99
CA ASN D 176 -47.60 23.17 2.61
C ASN D 176 -48.56 23.62 3.71
N LYS D 177 -48.61 24.94 3.81
CA LYS D 177 -49.48 25.71 4.68
C LYS D 177 -50.40 26.52 3.75
N SER D 178 -51.58 26.91 4.24
CA SER D 178 -52.48 27.89 3.58
C SER D 178 -52.06 29.40 3.82
N ASP D 179 -51.03 29.64 4.63
CA ASP D 179 -50.63 30.96 5.13
C ASP D 179 -49.13 31.22 4.94
N PHE D 180 -48.58 30.78 3.80
CA PHE D 180 -47.15 30.94 3.53
C PHE D 180 -46.89 32.22 2.77
N ALA D 181 -45.89 32.97 3.22
CA ALA D 181 -45.53 34.24 2.65
C ALA D 181 -44.10 34.14 2.20
N CYS D 182 -43.83 34.50 0.94
CA CYS D 182 -42.44 34.67 0.47
C CYS D 182 -41.62 35.76 1.19
N ALA D 183 -42.24 36.67 1.95
CA ALA D 183 -41.50 37.43 2.96
C ALA D 183 -41.20 36.56 4.23
N ASN D 184 -40.20 35.65 4.09
CA ASN D 184 -39.75 34.67 5.13
C ASN D 184 -38.43 35.13 5.86
N ALA D 185 -38.54 35.44 7.17
CA ALA D 185 -37.58 36.29 7.90
C ALA D 185 -36.15 35.72 8.25
N PHE D 186 -35.24 35.50 7.27
CA PHE D 186 -33.83 35.09 7.61
C PHE D 186 -32.58 35.60 6.78
N ASN D 187 -31.86 36.62 7.34
CA ASN D 187 -30.73 37.46 6.75
C ASN D 187 -31.06 38.59 5.74
N ASN D 188 -31.74 38.24 4.62
CA ASN D 188 -32.44 39.15 3.64
C ASN D 188 -31.64 39.97 2.51
N SER D 189 -30.53 40.68 2.85
CA SER D 189 -29.83 41.62 1.90
C SER D 189 -30.71 42.77 1.36
N ILE D 190 -31.32 42.64 0.16
CA ILE D 190 -32.59 43.41 -0.25
C ILE D 190 -33.54 42.45 -1.11
N ILE D 191 -34.87 42.73 -1.10
CA ILE D 191 -35.98 41.95 -1.80
C ILE D 191 -36.37 42.89 -2.99
N PRO D 192 -36.05 42.53 -4.24
CA PRO D 192 -36.60 43.13 -5.48
C PRO D 192 -37.92 42.58 -6.03
N GLU D 193 -38.65 41.84 -5.16
CA GLU D 193 -40.04 41.50 -5.37
C GLU D 193 -41.02 41.95 -4.28
N ASP D 194 -42.15 42.55 -4.73
CA ASP D 194 -43.42 42.83 -3.92
C ASP D 194 -44.76 42.37 -4.64
N THR D 195 -44.99 41.04 -4.65
CA THR D 195 -46.06 40.25 -5.42
C THR D 195 -47.33 40.95 -5.99
N PHE D 196 -47.81 40.38 -7.12
CA PHE D 196 -49.19 40.46 -7.70
C PHE D 196 -49.14 40.14 -9.21
N SER E 1 -5.01 1.82 -21.36
CA SER E 1 -6.36 2.13 -20.85
C SER E 1 -6.79 1.07 -19.83
N GLN E 2 -6.18 1.09 -18.66
CA GLN E 2 -6.71 0.33 -17.54
C GLN E 2 -8.10 0.82 -17.12
N THR E 3 -8.91 0.05 -16.42
CA THR E 3 -10.28 0.46 -15.99
C THR E 3 -10.74 -0.44 -14.84
N ILE E 4 -11.78 -0.07 -14.11
CA ILE E 4 -12.29 -0.89 -12.99
C ILE E 4 -13.77 -0.61 -12.69
N HIS E 5 -14.69 -1.51 -12.99
N HIS E 5 -14.67 -1.53 -13.04
CA HIS E 5 -16.10 -1.20 -12.77
CA HIS E 5 -16.13 -1.39 -12.86
C HIS E 5 -16.59 -2.10 -11.70
C HIS E 5 -16.41 -2.01 -11.52
N GLN E 6 -17.48 -1.59 -10.84
CA GLN E 6 -18.10 -2.37 -9.80
C GLN E 6 -19.60 -2.34 -9.93
N TRP E 7 -20.25 -3.39 -9.45
CA TRP E 7 -21.67 -3.66 -9.69
C TRP E 7 -22.15 -4.42 -8.49
N PRO E 8 -23.35 -4.15 -8.00
CA PRO E 8 -24.24 -3.06 -8.38
C PRO E 8 -23.93 -1.69 -7.74
N ALA E 9 -24.44 -0.60 -8.34
CA ALA E 9 -24.22 0.80 -7.89
C ALA E 9 -24.76 1.15 -6.51
N THR E 10 -26.05 0.85 -6.27
CA THR E 10 -26.73 1.22 -5.02
C THR E 10 -27.68 0.11 -4.61
N LEU E 11 -27.71 -0.25 -3.33
CA LEU E 11 -28.50 -1.32 -2.78
C LEU E 11 -29.15 -0.97 -1.46
N VAL E 12 -30.44 -1.22 -1.39
CA VAL E 12 -31.23 -1.17 -0.18
C VAL E 12 -31.74 -2.60 0.14
N GLN E 13 -31.36 -3.16 1.30
CA GLN E 13 -31.65 -4.53 1.72
C GLN E 13 -31.99 -4.64 3.19
N PRO E 14 -32.78 -5.65 3.55
CA PRO E 14 -33.09 -5.84 4.97
C PRO E 14 -31.97 -6.54 5.76
N VAL E 15 -31.93 -6.28 7.07
CA VAL E 15 -31.03 -6.99 7.97
C VAL E 15 -31.26 -8.47 7.75
N GLY E 16 -30.17 -9.21 7.52
CA GLY E 16 -30.22 -10.63 7.38
C GLY E 16 -30.23 -11.13 5.94
N SER E 17 -30.43 -10.25 4.99
CA SER E 17 -30.25 -10.60 3.61
C SER E 17 -28.78 -10.88 3.31
N PRO E 18 -28.55 -11.75 2.35
CA PRO E 18 -27.19 -11.98 1.88
C PRO E 18 -26.80 -10.85 0.97
N LEU E 19 -25.49 -10.61 0.87
CA LEU E 19 -24.98 -9.54 0.03
C LEU E 19 -24.00 -10.06 -0.94
N SER E 20 -24.04 -9.55 -2.16
CA SER E 20 -22.99 -9.84 -3.12
C SER E 20 -22.55 -8.64 -3.97
N LEU E 21 -21.27 -8.28 -3.90
CA LEU E 21 -20.73 -7.22 -4.76
C LEU E 21 -19.61 -7.75 -5.62
N GLU E 22 -19.59 -7.25 -6.85
CA GLU E 22 -18.70 -7.72 -7.87
C GLU E 22 -17.78 -6.60 -8.33
N CYS E 23 -16.53 -6.88 -8.70
CA CYS E 23 -15.61 -5.84 -9.21
C CYS E 23 -14.74 -6.40 -10.35
N THR E 24 -14.56 -5.69 -11.45
CA THR E 24 -13.76 -6.22 -12.54
C THR E 24 -12.77 -5.20 -12.98
N VAL E 25 -11.54 -5.63 -13.24
CA VAL E 25 -10.48 -4.74 -13.70
C VAL E 25 -10.18 -5.09 -15.15
N GLU E 26 -9.61 -4.19 -15.94
CA GLU E 26 -9.31 -4.48 -17.36
C GLU E 26 -8.08 -3.72 -17.75
N GLY E 27 -7.32 -4.26 -18.67
CA GLY E 27 -6.12 -3.60 -19.13
C GLY E 27 -4.89 -3.67 -18.27
N THR E 28 -4.89 -4.41 -17.17
CA THR E 28 -3.65 -4.70 -16.46
C THR E 28 -3.68 -6.20 -16.16
N SER E 29 -2.52 -6.83 -15.86
CA SER E 29 -2.48 -8.27 -15.47
C SER E 29 -1.98 -8.57 -14.06
N ASN E 30 -2.60 -9.48 -13.36
CA ASN E 30 -2.17 -9.85 -12.03
C ASN E 30 -2.17 -8.69 -11.09
N PRO E 31 -3.26 -7.90 -11.07
CA PRO E 31 -3.22 -6.76 -10.18
C PRO E 31 -3.45 -7.11 -8.75
N ASN E 32 -2.97 -6.25 -7.85
CA ASN E 32 -3.40 -6.28 -6.44
C ASN E 32 -4.80 -5.69 -6.43
N LEU E 33 -5.69 -6.26 -5.66
CA LEU E 33 -7.10 -5.87 -5.67
C LEU E 33 -7.50 -5.65 -4.22
N TYR E 34 -8.30 -4.65 -3.99
CA TYR E 34 -8.59 -4.20 -2.66
C TYR E 34 -10.10 -4.07 -2.48
N TRP E 35 -10.66 -4.49 -1.34
CA TRP E 35 -12.00 -3.98 -0.92
C TRP E 35 -11.87 -3.03 0.26
N TYR E 36 -12.44 -1.83 0.10
CA TYR E 36 -12.56 -0.87 1.20
C TYR E 36 -14.04 -0.58 1.45
N ARG E 37 -14.31 -0.18 2.69
N ARG E 37 -14.32 -0.21 2.69
CA ARG E 37 -15.64 0.28 3.14
CA ARG E 37 -15.64 0.27 3.15
C ARG E 37 -15.55 1.72 3.69
C ARG E 37 -15.54 1.73 3.69
N GLN E 38 -16.46 2.59 3.24
CA GLN E 38 -16.52 3.98 3.72
C GLN E 38 -17.84 4.42 4.33
N ALA E 39 -17.75 4.80 5.62
CA ALA E 39 -18.81 5.42 6.43
C ALA E 39 -18.87 6.92 6.15
N ALA E 40 -20.07 7.46 6.13
CA ALA E 40 -20.21 8.88 6.23
C ALA E 40 -19.22 9.49 7.31
N GLY E 41 -18.58 10.56 6.84
CA GLY E 41 -17.67 11.39 7.60
C GLY E 41 -16.25 10.87 7.69
N ARG E 42 -16.03 9.64 7.16
CA ARG E 42 -14.79 8.91 7.41
C ARG E 42 -14.11 8.58 6.14
N GLY E 43 -12.85 8.23 6.23
CA GLY E 43 -12.08 7.79 5.04
C GLY E 43 -12.32 6.32 4.78
N PRO E 44 -12.01 5.85 3.58
CA PRO E 44 -12.09 4.44 3.31
C PRO E 44 -11.24 3.67 4.28
N GLN E 45 -11.81 2.59 4.82
CA GLN E 45 -11.12 1.59 5.64
C GLN E 45 -10.98 0.32 4.84
N LEU E 46 -9.82 -0.32 5.00
CA LEU E 46 -9.53 -1.60 4.32
C LEU E 46 -10.29 -2.75 4.94
N LEU E 47 -10.85 -3.60 4.07
CA LEU E 47 -11.42 -4.89 4.48
C LEU E 47 -10.50 -6.03 4.05
N PHE E 48 -10.20 -6.07 2.74
CA PHE E 48 -9.43 -7.13 2.03
C PHE E 48 -8.39 -6.57 1.06
N TYR E 49 -7.22 -7.21 1.06
CA TYR E 49 -6.11 -6.85 0.17
C TYR E 49 -5.61 -8.14 -0.34
N TRP E 50 -5.75 -8.31 -1.66
CA TRP E 50 -5.44 -9.58 -2.31
C TRP E 50 -4.34 -9.37 -3.32
N GLY E 51 -3.33 -10.24 -3.28
CA GLY E 51 -2.40 -10.35 -4.38
C GLY E 51 -3.03 -11.11 -5.56
N PRO E 52 -2.35 -11.12 -6.70
CA PRO E 52 -2.85 -11.97 -7.73
C PRO E 52 -2.96 -13.40 -7.38
N PHE E 53 -2.24 -13.94 -6.39
CA PHE E 53 -2.39 -15.37 -6.04
C PHE E 53 -3.11 -15.63 -4.75
N GLY E 54 -3.66 -14.62 -4.13
CA GLY E 54 -4.44 -14.85 -2.95
C GLY E 54 -4.29 -13.71 -2.00
N GLN E 55 -4.99 -13.88 -0.88
CA GLN E 55 -5.09 -12.87 0.16
C GLN E 55 -3.74 -12.56 0.80
N ILE E 56 -3.40 -11.26 0.84
CA ILE E 56 -2.26 -10.80 1.64
C ILE E 56 -2.62 -10.26 3.04
N SER E 57 -3.75 -9.56 3.13
CA SER E 57 -4.19 -8.85 4.35
C SER E 57 -5.68 -8.74 4.44
N SER E 58 -6.24 -8.98 5.61
CA SER E 58 -7.63 -8.50 5.88
C SER E 58 -7.79 -7.90 7.27
N GLU E 59 -8.58 -6.83 7.32
CA GLU E 59 -8.93 -6.17 8.56
C GLU E 59 -10.13 -6.86 9.22
N VAL E 60 -10.28 -8.17 8.88
CA VAL E 60 -10.95 -9.25 9.63
C VAL E 60 -12.42 -8.93 9.99
N PRO E 61 -13.13 -8.37 9.01
CA PRO E 61 -14.40 -7.80 9.31
C PRO E 61 -15.25 -8.92 9.62
N GLN E 62 -15.95 -8.90 10.76
CA GLN E 62 -17.00 -9.90 10.99
C GLN E 62 -18.00 -9.90 9.77
N ASN E 63 -18.60 -11.03 9.53
CA ASN E 63 -19.68 -11.12 8.59
C ASN E 63 -19.44 -10.73 7.13
N LEU E 64 -18.23 -10.87 6.63
CA LEU E 64 -17.86 -10.44 5.28
C LEU E 64 -16.74 -11.34 4.76
N SER E 65 -16.84 -11.81 3.52
CA SER E 65 -15.65 -12.49 2.92
C SER E 65 -15.38 -12.03 1.51
N ALA E 66 -14.16 -12.28 1.06
CA ALA E 66 -13.79 -11.99 -0.32
C ALA E 66 -13.36 -13.19 -1.10
N SER E 67 -13.54 -13.13 -2.40
CA SER E 67 -12.99 -14.15 -3.26
C SER E 67 -12.65 -13.61 -4.65
N ARG E 68 -11.91 -14.41 -5.40
CA ARG E 68 -11.37 -13.98 -6.65
C ARG E 68 -11.44 -15.10 -7.70
N PRO E 69 -12.58 -15.24 -8.37
CA PRO E 69 -12.70 -16.27 -9.37
C PRO E 69 -11.77 -16.15 -10.58
N GLN E 70 -11.58 -14.98 -11.14
CA GLN E 70 -10.64 -14.82 -12.25
C GLN E 70 -9.50 -14.01 -11.69
N ASP E 71 -8.56 -13.71 -12.56
CA ASP E 71 -7.47 -12.79 -12.27
C ASP E 71 -8.01 -11.38 -12.09
N ARG E 72 -9.05 -11.04 -12.83
CA ARG E 72 -9.46 -9.68 -12.88
C ARG E 72 -10.79 -9.45 -12.29
N GLN E 73 -11.37 -10.50 -11.72
CA GLN E 73 -12.68 -10.42 -11.12
C GLN E 73 -12.58 -10.76 -9.64
N PHE E 74 -13.21 -9.91 -8.81
CA PHE E 74 -13.09 -9.90 -7.35
C PHE E 74 -14.48 -9.70 -6.73
N ILE E 75 -14.71 -10.20 -5.53
CA ILE E 75 -16.08 -10.35 -5.04
C ILE E 75 -16.15 -10.23 -3.57
N LEU E 76 -17.10 -9.47 -3.08
CA LEU E 76 -17.24 -9.32 -1.65
C LEU E 76 -18.62 -9.85 -1.36
N SER E 77 -18.72 -10.63 -0.29
CA SER E 77 -20.04 -11.12 0.07
C SER E 77 -20.23 -11.32 1.53
N SER E 78 -21.49 -11.43 1.88
CA SER E 78 -21.93 -11.68 3.22
C SER E 78 -23.14 -12.62 3.24
N LYS E 79 -23.19 -13.45 4.29
CA LYS E 79 -24.14 -14.57 4.39
C LYS E 79 -25.48 -14.04 4.95
N LYS E 80 -25.42 -13.29 6.08
CA LYS E 80 -26.53 -12.49 6.69
C LYS E 80 -25.98 -11.11 7.01
N LEU E 81 -26.50 -10.05 6.37
CA LEU E 81 -26.02 -8.67 6.62
C LEU E 81 -26.49 -8.08 7.94
N LEU E 82 -25.59 -7.49 8.72
CA LEU E 82 -26.00 -6.77 9.92
C LEU E 82 -26.36 -5.36 9.53
N LEU E 83 -27.04 -4.60 10.37
CA LEU E 83 -27.23 -3.14 10.15
C LEU E 83 -25.95 -2.38 10.02
N SER E 84 -25.08 -2.52 11.02
CA SER E 84 -23.79 -1.91 10.95
C SER E 84 -23.10 -2.07 9.57
N ASP E 85 -23.49 -3.03 8.72
CA ASP E 85 -22.84 -3.18 7.40
C ASP E 85 -23.21 -2.12 6.33
N SER E 86 -24.08 -1.18 6.68
CA SER E 86 -24.36 -0.09 5.76
C SER E 86 -23.10 0.63 5.46
N GLY E 87 -22.91 0.97 4.20
CA GLY E 87 -21.75 1.77 3.83
C GLY E 87 -21.49 1.88 2.36
N PHE E 88 -20.33 2.49 2.05
CA PHE E 88 -19.93 2.76 0.70
C PHE E 88 -18.73 1.85 0.37
N TYR E 89 -19.03 0.81 -0.43
CA TYR E 89 -18.10 -0.26 -0.68
C TYR E 89 -17.36 0.04 -2.00
N LEU E 90 -16.03 0.01 -1.91
CA LEU E 90 -15.13 0.50 -2.89
C LEU E 90 -14.05 -0.48 -3.08
N CYS E 91 -13.74 -0.67 -4.34
CA CYS E 91 -12.81 -1.64 -4.86
C CYS E 91 -11.73 -0.83 -5.47
N ALA E 92 -10.49 -1.27 -5.30
CA ALA E 92 -9.37 -0.67 -6.05
C ALA E 92 -8.41 -1.73 -6.47
N TRP E 93 -7.58 -1.37 -7.45
CA TRP E 93 -6.43 -2.18 -7.90
C TRP E 93 -5.12 -1.42 -7.79
N SER E 94 -4.01 -2.10 -7.64
CA SER E 94 -2.64 -1.50 -7.87
C SER E 94 -1.82 -2.48 -8.74
N GLU E 95 -0.81 -1.97 -9.46
CA GLU E 95 -0.09 -2.76 -10.44
C GLU E 95 0.72 -3.78 -9.67
N THR E 96 0.99 -4.89 -10.29
CA THR E 96 1.53 -5.97 -9.51
C THR E 96 2.76 -5.50 -8.78
N GLY E 97 2.73 -5.73 -7.48
CA GLY E 97 3.92 -5.63 -6.70
C GLY E 97 3.74 -4.55 -5.68
N LEU E 98 4.84 -3.85 -5.41
CA LEU E 98 4.90 -2.72 -4.54
C LEU E 98 5.46 -1.52 -5.39
N GLY E 99 4.55 -0.69 -5.87
CA GLY E 99 4.88 0.42 -6.76
C GLY E 99 3.79 1.49 -6.83
N MET E 100 3.87 2.28 -7.87
CA MET E 100 3.07 3.48 -8.00
C MET E 100 2.00 3.39 -9.08
N GLY E 101 1.99 2.32 -9.87
CA GLY E 101 1.01 2.17 -10.92
C GLY E 101 -0.33 1.77 -10.34
N GLY E 102 -1.39 2.29 -10.93
CA GLY E 102 -2.73 2.01 -10.48
C GLY E 102 -3.23 2.95 -9.38
N TRP E 103 -3.73 2.32 -8.33
CA TRP E 103 -4.33 2.96 -7.18
C TRP E 103 -5.60 3.73 -7.49
N GLN E 104 -6.48 3.16 -8.31
N GLN E 104 -6.49 3.17 -8.30
CA GLN E 104 -7.70 3.82 -8.78
CA GLN E 104 -7.69 3.87 -8.68
C GLN E 104 -8.84 3.04 -8.17
C GLN E 104 -8.82 3.06 -8.14
N PHE E 105 -9.91 3.71 -7.76
CA PHE E 105 -11.06 3.00 -7.18
C PHE E 105 -12.09 2.95 -8.24
N GLY E 106 -12.90 1.92 -8.33
CA GLY E 106 -14.10 2.01 -9.16
C GLY E 106 -15.17 2.92 -8.55
N GLU E 107 -16.33 2.89 -9.17
CA GLU E 107 -17.33 3.87 -8.91
C GLU E 107 -18.09 3.62 -7.66
N GLY E 108 -17.77 2.55 -6.96
CA GLY E 108 -18.25 2.26 -5.59
C GLY E 108 -19.62 1.64 -5.57
N SER E 109 -19.96 0.94 -4.48
CA SER E 109 -21.34 0.36 -4.30
C SER E 109 -21.92 0.75 -2.94
N ARG E 110 -23.02 1.50 -3.00
CA ARG E 110 -23.58 2.07 -1.82
C ARG E 110 -24.60 1.09 -1.35
N LEU E 111 -24.45 0.67 -0.10
CA LEU E 111 -25.36 -0.25 0.56
C LEU E 111 -25.98 0.40 1.77
N THR E 112 -27.31 0.38 1.79
CA THR E 112 -28.10 0.70 3.00
C THR E 112 -28.82 -0.57 3.47
N VAL E 113 -28.71 -0.85 4.76
CA VAL E 113 -29.27 -2.03 5.40
C VAL E 113 -30.32 -1.52 6.39
N LEU E 114 -31.58 -1.87 6.19
CA LEU E 114 -32.68 -1.37 7.04
C LEU E 114 -33.17 -2.45 8.01
N GLU E 115 -33.44 -2.08 9.27
CA GLU E 115 -34.14 -2.99 10.20
C GLU E 115 -35.57 -3.19 9.68
N ASP E 116 -36.17 -2.18 9.08
CA ASP E 116 -37.59 -2.22 8.73
C ASP E 116 -37.95 -1.59 7.40
N LEU E 117 -38.47 -2.44 6.49
CA LEU E 117 -38.85 -1.97 5.16
C LEU E 117 -40.15 -1.18 5.10
N LYS E 118 -40.99 -1.13 6.14
CA LYS E 118 -42.17 -0.24 6.12
C LYS E 118 -41.88 1.22 5.86
N ASN E 119 -40.68 1.70 6.20
CA ASN E 119 -40.43 3.13 6.12
C ASN E 119 -39.98 3.54 4.78
N VAL E 120 -39.87 2.58 3.85
CA VAL E 120 -39.25 2.87 2.57
C VAL E 120 -40.31 3.50 1.66
N PHE E 121 -40.11 4.76 1.22
CA PHE E 121 -41.02 5.45 0.24
C PHE E 121 -40.25 6.01 -0.94
N PRO E 122 -40.81 5.98 -2.17
CA PRO E 122 -40.06 6.71 -3.19
C PRO E 122 -40.40 8.24 -3.12
N PRO E 123 -39.72 9.04 -3.94
CA PRO E 123 -39.96 10.47 -3.94
C PRO E 123 -41.19 10.80 -4.71
N GLU E 124 -41.92 11.81 -4.25
CA GLU E 124 -42.90 12.48 -5.07
C GLU E 124 -42.16 13.59 -5.79
N VAL E 125 -42.32 13.78 -7.10
CA VAL E 125 -41.54 14.76 -7.90
C VAL E 125 -42.46 15.87 -8.44
N ALA E 126 -41.99 17.10 -8.40
CA ALA E 126 -42.81 18.27 -8.80
C ALA E 126 -41.88 19.28 -9.39
N VAL E 127 -42.19 19.73 -10.63
CA VAL E 127 -41.54 20.87 -11.25
C VAL E 127 -42.40 22.12 -11.07
N PHE E 128 -41.77 23.19 -10.59
CA PHE E 128 -42.39 24.53 -10.47
C PHE E 128 -41.87 25.56 -11.51
N GLU E 129 -42.77 26.33 -12.10
CA GLU E 129 -42.39 27.04 -13.30
C GLU E 129 -41.83 28.43 -12.94
N PRO E 130 -41.07 29.03 -13.89
CA PRO E 130 -40.34 30.22 -13.55
C PRO E 130 -41.27 31.35 -13.21
N SER E 131 -40.79 32.23 -12.33
CA SER E 131 -41.53 33.44 -11.95
C SER E 131 -41.62 34.39 -13.13
N GLU E 132 -42.86 34.80 -13.42
CA GLU E 132 -43.17 35.70 -14.53
C GLU E 132 -42.56 37.14 -14.23
N ALA E 133 -42.47 37.49 -12.93
CA ALA E 133 -41.55 38.54 -12.38
C ALA E 133 -40.07 38.37 -12.71
N GLU E 134 -39.44 37.32 -12.21
CA GLU E 134 -38.05 37.02 -12.49
C GLU E 134 -37.67 37.26 -13.95
N ILE E 135 -38.47 36.67 -14.83
CA ILE E 135 -38.41 36.84 -16.31
C ILE E 135 -38.33 38.33 -16.79
N SER E 136 -39.26 39.17 -16.32
CA SER E 136 -39.25 40.60 -16.65
C SER E 136 -38.06 41.35 -16.06
N HIS E 137 -37.59 40.91 -14.89
CA HIS E 137 -36.45 41.52 -14.18
C HIS E 137 -35.11 41.21 -14.85
N THR E 138 -34.92 39.94 -15.22
CA THR E 138 -33.62 39.38 -15.60
C THR E 138 -33.48 38.84 -17.05
N GLN E 139 -34.60 38.58 -17.74
CA GLN E 139 -34.62 37.79 -18.99
C GLN E 139 -33.93 36.45 -18.79
N LYS E 140 -34.29 35.86 -17.64
CA LYS E 140 -33.88 34.55 -17.25
C LYS E 140 -35.05 33.88 -16.53
N ALA E 141 -35.12 32.56 -16.72
CA ALA E 141 -36.15 31.67 -16.21
C ALA E 141 -35.49 30.53 -15.46
N THR E 142 -35.82 30.39 -14.17
CA THR E 142 -35.40 29.26 -13.32
C THR E 142 -36.61 28.29 -13.11
N LEU E 143 -36.43 26.98 -13.36
CA LEU E 143 -37.41 25.97 -12.90
C LEU E 143 -36.83 25.38 -11.68
N VAL E 144 -37.73 25.05 -10.76
CA VAL E 144 -37.36 24.28 -9.60
C VAL E 144 -38.01 22.93 -9.71
N CYS E 145 -37.26 21.90 -9.30
CA CYS E 145 -37.77 20.58 -9.13
C CYS E 145 -37.74 20.23 -7.67
N LEU E 146 -38.75 19.47 -7.24
CA LEU E 146 -38.91 19.07 -5.83
C LEU E 146 -39.24 17.56 -5.71
N ALA E 147 -38.19 16.78 -5.50
CA ALA E 147 -38.27 15.44 -4.94
C ALA E 147 -38.62 15.48 -3.44
N THR E 148 -39.75 14.88 -3.02
CA THR E 148 -40.19 14.91 -1.62
C THR E 148 -40.64 13.52 -1.08
N GLY E 149 -40.71 13.46 0.26
CA GLY E 149 -41.04 12.28 1.05
C GLY E 149 -40.43 10.90 0.73
N PHE E 150 -39.14 10.88 0.39
CA PHE E 150 -38.44 9.62 0.13
C PHE E 150 -37.62 9.10 1.28
N TYR E 151 -37.55 7.78 1.38
CA TYR E 151 -36.63 7.13 2.26
C TYR E 151 -36.26 5.78 1.60
N PRO E 152 -35.01 5.32 1.75
CA PRO E 152 -33.88 6.03 2.39
C PRO E 152 -33.35 7.21 1.58
N ASP E 153 -32.22 7.79 1.98
CA ASP E 153 -31.80 9.15 1.55
C ASP E 153 -31.11 9.34 0.22
N HIS E 154 -31.19 8.39 -0.71
CA HIS E 154 -30.37 8.46 -1.89
C HIS E 154 -31.16 8.38 -3.22
N VAL E 155 -31.18 9.51 -3.89
CA VAL E 155 -31.75 9.64 -5.18
C VAL E 155 -30.73 10.28 -6.14
N GLU E 156 -31.07 10.39 -7.43
CA GLU E 156 -30.16 10.91 -8.47
C GLU E 156 -30.99 11.73 -9.46
N LEU E 157 -30.91 13.05 -9.31
CA LEU E 157 -31.80 13.97 -9.99
C LEU E 157 -31.14 14.36 -11.25
N SER E 158 -31.95 14.59 -12.26
CA SER E 158 -31.45 15.03 -13.56
C SER E 158 -32.46 15.88 -14.34
N TRP E 159 -31.96 16.77 -15.16
CA TRP E 159 -32.83 17.60 -15.93
C TRP E 159 -32.74 17.15 -17.34
N TRP E 160 -33.90 17.20 -18.00
CA TRP E 160 -34.03 16.79 -19.38
C TRP E 160 -34.77 17.89 -20.17
N VAL E 161 -34.19 18.29 -21.29
CA VAL E 161 -34.77 19.36 -22.07
C VAL E 161 -34.96 18.83 -23.49
N ASN E 162 -36.23 18.67 -23.90
CA ASN E 162 -36.61 17.99 -25.16
C ASN E 162 -35.95 16.59 -25.19
N GLY E 163 -36.00 15.89 -24.05
CA GLY E 163 -35.46 14.56 -23.95
C GLY E 163 -33.96 14.35 -24.20
N LYS E 164 -33.19 15.42 -24.20
CA LYS E 164 -31.76 15.27 -23.98
C LYS E 164 -31.46 15.87 -22.61
N GLU E 165 -30.53 15.21 -21.91
CA GLU E 165 -30.11 15.56 -20.55
C GLU E 165 -29.22 16.77 -20.69
N VAL E 166 -29.21 17.62 -19.67
CA VAL E 166 -28.53 18.89 -19.76
C VAL E 166 -27.95 19.20 -18.42
N HIS E 167 -26.80 19.86 -18.43
CA HIS E 167 -26.00 20.12 -17.26
C HIS E 167 -25.81 21.62 -17.13
N SER E 168 -25.25 22.27 -18.15
CA SER E 168 -25.23 23.73 -18.23
C SER E 168 -26.55 24.28 -17.69
N GLY E 169 -26.43 25.08 -16.63
CA GLY E 169 -27.56 25.76 -16.04
C GLY E 169 -28.18 25.11 -14.82
N VAL E 170 -27.66 23.97 -14.36
CA VAL E 170 -28.26 23.15 -13.26
C VAL E 170 -27.48 23.34 -11.98
N CYS E 171 -28.15 23.47 -10.86
CA CYS E 171 -27.53 23.02 -9.63
C CYS E 171 -28.53 22.28 -8.78
N THR E 172 -28.05 21.26 -8.07
CA THR E 172 -28.88 20.37 -7.28
C THR E 172 -28.39 20.35 -5.88
N ASP E 173 -29.28 20.31 -4.92
CA ASP E 173 -28.83 20.27 -3.54
C ASP E 173 -27.77 19.13 -3.27
N PRO E 174 -26.66 19.49 -2.63
CA PRO E 174 -25.59 18.50 -2.51
C PRO E 174 -26.02 17.31 -1.62
N GLN E 175 -26.85 17.54 -0.59
CA GLN E 175 -27.48 16.48 0.20
C GLN E 175 -28.93 16.83 0.57
N PRO E 176 -29.71 15.82 0.92
CA PRO E 176 -31.10 16.14 1.13
C PRO E 176 -31.43 16.65 2.55
N LEU E 177 -32.65 17.10 2.73
CA LEU E 177 -33.18 17.64 3.98
C LEU E 177 -34.06 16.64 4.69
N LYS E 178 -34.03 16.57 6.03
CA LYS E 178 -35.03 15.83 6.74
C LYS E 178 -36.31 16.64 6.88
N GLU E 179 -37.40 16.10 6.38
CA GLU E 179 -38.70 16.74 6.46
C GLU E 179 -39.17 16.87 7.92
N GLN E 180 -38.74 15.92 8.74
CA GLN E 180 -38.96 15.97 10.16
C GLN E 180 -37.64 15.76 10.87
N PRO E 181 -36.76 16.79 10.93
CA PRO E 181 -35.40 16.57 11.46
C PRO E 181 -35.35 15.92 12.84
N ALA E 182 -36.44 16.03 13.59
CA ALA E 182 -36.63 15.29 14.84
C ALA E 182 -36.53 13.72 14.76
N LEU E 183 -37.23 13.05 13.83
CA LEU E 183 -37.30 11.57 13.81
C LEU E 183 -36.10 10.93 13.10
N ASN E 184 -35.42 9.94 13.70
CA ASN E 184 -34.28 9.28 12.99
C ASN E 184 -34.68 8.50 11.74
N ASP E 185 -35.94 8.14 11.61
CA ASP E 185 -36.39 7.53 10.37
C ASP E 185 -37.31 8.45 9.59
N SER E 186 -36.88 9.70 9.43
CA SER E 186 -37.63 10.68 8.68
C SER E 186 -37.38 10.50 7.23
N ARG E 187 -38.37 10.85 6.45
CA ARG E 187 -38.22 10.92 5.01
C ARG E 187 -37.55 12.23 4.65
N TYR E 188 -37.32 12.45 3.36
CA TYR E 188 -36.34 13.43 2.91
C TYR E 188 -36.85 14.22 1.74
N ALA E 189 -36.33 15.43 1.60
CA ALA E 189 -36.58 16.21 0.39
C ALA E 189 -35.30 16.69 -0.24
N LEU E 190 -35.38 17.06 -1.49
CA LEU E 190 -34.21 17.57 -2.16
C LEU E 190 -34.64 18.39 -3.38
N SER E 191 -34.10 19.60 -3.50
CA SER E 191 -34.39 20.49 -4.63
C SER E 191 -33.29 20.61 -5.72
N SER E 192 -33.69 21.07 -6.87
CA SER E 192 -32.76 21.35 -7.95
C SER E 192 -33.35 22.41 -8.85
N ARG E 193 -32.50 23.17 -9.53
CA ARG E 193 -32.92 24.25 -10.39
C ARG E 193 -32.31 24.10 -11.73
N LEU E 194 -33.07 24.45 -12.73
CA LEU E 194 -32.51 24.64 -14.04
C LEU E 194 -32.87 26.08 -14.45
N ARG E 195 -31.85 26.83 -14.87
CA ARG E 195 -32.02 28.23 -15.25
C ARG E 195 -31.65 28.35 -16.71
N VAL E 196 -32.56 28.89 -17.54
CA VAL E 196 -32.34 29.02 -19.01
C VAL E 196 -32.69 30.41 -19.44
N SER E 197 -32.37 30.76 -20.68
CA SER E 197 -32.79 32.08 -21.23
C SER E 197 -34.34 32.22 -21.16
N ALA E 198 -34.82 33.47 -21.06
CA ALA E 198 -36.27 33.73 -20.95
C ALA E 198 -36.91 33.36 -22.29
N THR E 199 -36.30 33.83 -23.38
CA THR E 199 -36.76 33.50 -24.76
C THR E 199 -36.85 31.97 -24.97
N PHE E 200 -35.84 31.23 -24.51
CA PHE E 200 -35.89 29.72 -24.45
C PHE E 200 -37.16 29.17 -23.86
N TRP E 201 -37.51 29.70 -22.69
CA TRP E 201 -38.63 29.16 -21.91
C TRP E 201 -39.96 29.51 -22.54
N GLN E 202 -39.99 30.60 -23.32
CA GLN E 202 -41.25 31.14 -23.84
C GLN E 202 -41.71 30.53 -25.17
N ASP E 203 -40.79 29.73 -25.74
CA ASP E 203 -40.98 28.88 -26.92
C ASP E 203 -41.63 27.57 -26.50
N PRO E 204 -42.89 27.33 -26.93
CA PRO E 204 -43.57 26.09 -26.55
C PRO E 204 -43.05 24.79 -27.13
N ARG E 205 -42.34 24.80 -28.26
CA ARG E 205 -41.56 23.62 -28.74
C ARG E 205 -40.88 22.89 -27.54
N ASN E 206 -40.25 23.71 -26.69
CA ASN E 206 -39.36 23.25 -25.62
C ASN E 206 -40.09 22.57 -24.48
N HIS E 207 -39.43 21.53 -23.99
CA HIS E 207 -40.03 20.59 -23.07
C HIS E 207 -39.05 20.25 -21.96
N PHE E 208 -39.53 20.35 -20.73
CA PHE E 208 -38.67 20.26 -19.55
C PHE E 208 -39.08 19.12 -18.68
N ARG E 209 -38.14 18.20 -18.40
CA ARG E 209 -38.41 17.07 -17.48
C ARG E 209 -37.35 16.96 -16.44
N CYS E 210 -37.81 16.98 -15.20
CA CYS E 210 -37.04 16.69 -14.00
C CYS E 210 -37.13 15.18 -13.71
N GLN E 211 -36.03 14.53 -13.38
CA GLN E 211 -36.07 13.07 -13.29
C GLN E 211 -35.37 12.57 -12.08
N VAL E 212 -36.04 11.80 -11.25
CA VAL E 212 -35.46 11.30 -10.04
C VAL E 212 -35.39 9.77 -9.99
N GLN E 213 -34.15 9.23 -10.12
CA GLN E 213 -33.83 7.83 -9.88
C GLN E 213 -33.82 7.53 -8.36
N PHE E 214 -34.68 6.63 -7.94
CA PHE E 214 -34.79 6.25 -6.57
C PHE E 214 -34.35 4.79 -6.53
N TYR E 215 -33.68 4.46 -5.42
CA TYR E 215 -33.24 3.09 -5.07
C TYR E 215 -34.01 2.48 -3.87
N GLY E 216 -34.68 1.41 -4.12
CA GLY E 216 -35.64 0.91 -3.16
C GLY E 216 -35.56 -0.58 -3.14
N LEU E 217 -36.69 -1.22 -2.89
CA LEU E 217 -36.63 -2.63 -2.57
C LEU E 217 -36.43 -3.44 -3.82
N SER E 218 -35.90 -4.63 -3.64
CA SER E 218 -35.86 -5.67 -4.67
C SER E 218 -37.27 -6.19 -4.84
N GLU E 219 -37.56 -6.56 -6.07
CA GLU E 219 -38.81 -7.19 -6.47
C GLU E 219 -39.34 -8.25 -5.50
N ASN E 220 -38.45 -9.10 -5.01
CA ASN E 220 -38.82 -10.24 -4.17
C ASN E 220 -38.81 -9.97 -2.69
N ASP E 221 -38.57 -8.75 -2.23
CA ASP E 221 -38.37 -8.48 -0.81
C ASP E 221 -39.65 -8.62 -0.02
N GLU E 222 -39.53 -9.02 1.23
CA GLU E 222 -40.66 -9.22 2.10
C GLU E 222 -41.45 -7.90 2.23
N TRP E 223 -42.77 -7.97 2.20
CA TRP E 223 -43.64 -6.80 2.27
C TRP E 223 -45.02 -7.11 2.79
N THR E 224 -45.48 -6.36 3.78
CA THR E 224 -46.82 -6.47 4.44
C THR E 224 -47.75 -5.28 4.07
N GLN E 225 -47.28 -4.23 3.40
CA GLN E 225 -48.08 -3.01 3.30
C GLN E 225 -49.15 -3.05 2.20
N ASP E 226 -50.27 -2.37 2.48
CA ASP E 226 -51.30 -2.11 1.50
C ASP E 226 -50.73 -1.57 0.21
N ARG E 227 -49.99 -0.46 0.28
CA ARG E 227 -49.31 0.14 -0.87
C ARG E 227 -48.37 -0.74 -1.72
N ALA E 228 -48.21 -0.40 -2.97
CA ALA E 228 -47.41 -1.16 -3.88
C ALA E 228 -45.98 -1.14 -3.43
N LYS E 229 -45.26 -2.25 -3.56
CA LYS E 229 -43.87 -2.34 -3.12
C LYS E 229 -43.05 -1.18 -3.69
N PRO E 230 -42.32 -0.43 -2.84
CA PRO E 230 -41.53 0.77 -3.19
C PRO E 230 -40.15 0.42 -3.67
N VAL E 231 -40.15 -0.20 -4.84
CA VAL E 231 -38.94 -0.64 -5.56
C VAL E 231 -38.10 0.50 -6.14
N THR E 232 -36.95 0.12 -6.63
CA THR E 232 -36.21 1.00 -7.50
C THR E 232 -37.02 1.43 -8.72
N GLN E 233 -37.05 2.75 -8.92
CA GLN E 233 -37.84 3.40 -9.96
C GLN E 233 -37.42 4.85 -10.19
N ILE E 234 -37.75 5.31 -11.38
CA ILE E 234 -37.62 6.68 -11.84
C ILE E 234 -38.99 7.34 -11.71
N VAL E 235 -39.01 8.49 -11.08
CA VAL E 235 -40.25 9.25 -10.89
C VAL E 235 -39.84 10.56 -11.48
N SER E 236 -40.68 11.18 -12.32
CA SER E 236 -40.39 12.45 -12.98
C SER E 236 -41.57 13.39 -12.88
N ALA E 237 -41.28 14.63 -13.18
CA ALA E 237 -42.30 15.63 -13.36
C ALA E 237 -41.94 16.41 -14.61
N GLU E 238 -42.87 17.23 -15.10
CA GLU E 238 -42.68 17.86 -16.41
C GLU E 238 -43.41 19.16 -16.62
N ALA E 239 -42.78 19.99 -17.44
CA ALA E 239 -43.30 21.26 -17.85
C ALA E 239 -42.94 21.58 -19.31
N TRP E 240 -43.75 22.50 -19.87
CA TRP E 240 -43.74 22.92 -21.27
C TRP E 240 -43.51 24.43 -21.30
N GLY E 241 -42.92 24.94 -22.38
CA GLY E 241 -42.58 26.37 -22.47
C GLY E 241 -43.76 27.28 -22.75
N ARG E 242 -44.01 28.26 -21.88
CA ARG E 242 -45.17 29.19 -21.98
C ARG E 242 -44.83 30.70 -22.25
N ALA E 243 -45.65 31.35 -23.09
CA ALA E 243 -45.73 32.82 -23.19
C ALA E 243 -46.92 33.40 -22.38
N ASP E 244 -46.78 34.66 -21.95
CA ASP E 244 -47.56 35.32 -20.82
C ASP E 244 -48.37 34.43 -19.80
N1 EPE F . -4.93 -7.03 11.43
C2 EPE F . -5.73 -8.03 12.17
C3 EPE F . -6.73 -7.37 13.13
N4 EPE F . -5.98 -6.52 14.05
C5 EPE F . -5.38 -5.41 13.28
C6 EPE F . -4.34 -5.99 12.32
C7 EPE F . -6.79 -6.09 15.22
C8 EPE F . -7.95 -5.13 14.89
O8 EPE F . -9.18 -5.60 15.48
C9 EPE F . -3.88 -7.79 10.69
C10 EPE F . -3.16 -6.88 9.70
S EPE F . -2.30 -7.64 8.50
O1S EPE F . -3.06 -8.82 8.05
O2S EPE F . -0.93 -8.02 8.94
O3S EPE F . -2.23 -6.68 7.37
N1 EPE G . 26.00 8.49 15.51
C2 EPE G . 27.23 8.87 14.74
C3 EPE G . 28.32 7.81 14.83
N4 EPE G . 28.67 7.61 16.24
C5 EPE G . 27.49 7.10 17.00
C6 EPE G . 26.33 8.12 16.90
C7 EPE G . 29.80 6.68 16.37
C8 EPE G . 31.10 7.45 16.23
O8 EPE G . 32.18 6.57 16.55
C9 EPE G . 24.91 9.50 15.54
C10 EPE G . 24.66 10.25 14.23
S EPE G . 25.60 11.62 13.98
O1S EPE G . 26.52 11.37 12.85
O2S EPE G . 26.38 11.98 15.18
O3S EPE G . 24.72 12.76 13.62
S SO4 H . 2.41 -17.23 -3.16
O1 SO4 H . 1.71 -17.36 -4.47
O2 SO4 H . 3.43 -18.30 -2.96
O3 SO4 H . 3.25 -16.02 -3.07
O4 SO4 H . 1.33 -17.24 -2.12
S SO4 I . 5.19 -11.20 14.87
O1 SO4 I . 3.75 -10.99 15.14
O2 SO4 I . 5.64 -12.58 15.23
O3 SO4 I . 6.02 -10.25 15.64
O4 SO4 I . 5.36 -11.00 13.41
S SO4 J . 19.70 -33.20 -3.76
O1 SO4 J . 18.46 -33.41 -2.95
O2 SO4 J . 20.69 -34.28 -3.51
O3 SO4 J . 20.25 -31.91 -3.33
O4 SO4 J . 19.35 -33.12 -5.20
C1 EDO K . -7.20 0.22 9.30
O1 EDO K . -6.14 1.15 9.63
C2 EDO K . -7.98 0.70 8.07
O2 EDO K . -7.37 0.38 6.80
C1 EDO L . -19.05 9.54 0.10
O1 EDO L . -19.60 9.85 -1.20
C2 EDO L . -20.07 8.75 0.90
O2 EDO L . -19.66 8.68 2.26
S SO4 M . -18.74 37.50 -3.66
O1 SO4 M . -19.78 36.69 -4.31
O2 SO4 M . -17.45 37.15 -4.30
O3 SO4 M . -18.67 37.29 -2.18
O4 SO4 M . -19.07 38.93 -3.89
#